data_7K71
#
_entry.id   7K71
#
_cell.length_a   58.68
_cell.length_b   135.28
_cell.length_c   142.17
_cell.angle_alpha   90
_cell.angle_beta   90
_cell.angle_gamma   90
#
_symmetry.space_group_name_H-M   'P 21 21 21'
#
loop_
_entity.id
_entity.type
_entity.pdbx_description
1 polymer 'Phosphatidylinositol 4,5-bisphosphate 3-kinase catalytic subunit alpha isoform'
2 non-polymer "2-(morpholin-4-yl)[4,5'-bipyrimidin]-2'-amine"
#
_entity_poly.entity_id   1
_entity_poly.type   'polypeptide(L)'
_entity_poly.pdbx_seq_one_letter_code
;GSVGNREEKILNREIGFAIGMPVCEFDMVKDPEVQDFRRNILNVCKEAVDLRDLNSPHSRAMYVYPPNVESSPELPKHIY
NKLDKGQIIVVIWVIVSPNNDKQKYTLKINHDCVPEQVIAEAIRKKTRSMLLSSEQLKLCVLEYQGKYILKVCGCDEYFL
EKYPLSQYKYIRSCIMLGRMPNLMLMAKESLYSQLPMDCFTMPSYSRRISTATPYMNGETSTKSLWVINSALRIKILCAT
YVNVNIRDIDKIYVRTGIYHGGEPLCDNVNTQRVPCSNPRWNEWLNYDIYIPDLPRAARLCLSICSVKGRKGAKEEHCPL
AWGNINLFDYTDTLVSGKMALNLWPVPHGLEDLLNPIGVTGSNPNKETPCLELEFDWFSSVVKFPDMSVIEEHANWSVSR
EAGFSYSHAGLSNRLARDNELRENDKEQLKAISTRDPLSEITEQEKDFLWSHRHYCVTIPEILPKLLLSVKWNSRDEVAQ
MYCLVKDWPPIKPEQAMELLDCNYPDPMVRGFAVRCLEKYLTDDKLSQYLIQLVQVLKYEQYLDNLLVRFLLKKALTNQR
IGHFFFWHLKSEMHNKTVSQRFGLLLESYCRACGMYLKHLNRQVEAMEKLINLTDILKQEKKDETQKVQMKFLVEQMRRP
DFMDALQGFLSPLNPAHQLGNLRLEECRIMSSAKRPLWLNWENPDIMSELLFQNNEIIFKNGDDLRQDMLTLQIIRIMEN
IWQNQGLDLRMLPYGCLSIGDCVGLIEVVRNSHTIMQIQCKGGLKGALQFNSHTLHQWLKDKNKGEIYDAAIDLFTRSCA
GYCVATFILGIGDRHNSNIMVKDDGQLFHIDFGHFLDHKKKKFGYKRERVPFVLTQDFLIVISKGAQECTKTREFERFQE
MCYKAYLAIRQHANLFINLFSMMLGSGMPELQSFDDIAYIRKTLALDKTEQEALEYFMKQMNDAHH
;
_entity_poly.pdbx_strand_id   A
#
loop_
_chem_comp.id
_chem_comp.type
_chem_comp.name
_chem_comp.formula
VYP non-polymer 2-(morpholin-4-yl)[4,5'-bipyrimidin]-2'-amine 'C12 H14 N6 O'
#
# COMPACT_ATOMS: atom_id res chain seq x y z
N GLU A 7 32.36 4.36 -14.59
CA GLU A 7 32.08 2.94 -14.62
C GLU A 7 31.06 2.57 -13.49
N GLU A 8 31.38 1.62 -12.58
CA GLU A 8 30.54 1.18 -11.48
C GLU A 8 30.62 2.14 -10.28
N LYS A 9 31.75 2.87 -10.14
CA LYS A 9 31.91 3.86 -9.07
C LYS A 9 30.89 4.99 -9.24
N ILE A 10 30.53 5.32 -10.50
CA ILE A 10 29.51 6.33 -10.81
C ILE A 10 28.14 5.80 -10.39
N LEU A 11 27.80 4.58 -10.79
CA LEU A 11 26.52 3.96 -10.45
C LEU A 11 26.36 3.85 -8.93
N ASN A 12 27.41 3.47 -8.22
CA ASN A 12 27.33 3.35 -6.76
C ASN A 12 27.11 4.70 -6.07
N ARG A 13 27.62 5.80 -6.67
CA ARG A 13 27.45 7.14 -6.14
C ARG A 13 25.97 7.53 -6.32
N GLU A 14 25.42 7.29 -7.55
CA GLU A 14 24.04 7.57 -7.88
C GLU A 14 23.05 6.70 -7.06
N ILE A 15 23.36 5.42 -6.82
CA ILE A 15 22.51 4.56 -5.99
C ILE A 15 22.48 5.12 -4.56
N GLY A 16 23.62 5.52 -4.06
CA GLY A 16 23.73 6.08 -2.73
C GLY A 16 22.90 7.34 -2.52
N PHE A 17 22.88 8.19 -3.55
CA PHE A 17 22.09 9.41 -3.49
C PHE A 17 20.57 9.08 -3.51
N ALA A 18 20.16 8.04 -4.25
CA ALA A 18 18.77 7.64 -4.32
C ALA A 18 18.26 7.06 -2.98
N ILE A 19 19.00 6.10 -2.37
CA ILE A 19 18.63 5.50 -1.09
C ILE A 19 18.81 6.48 0.08
N GLY A 20 19.75 7.40 -0.07
CA GLY A 20 20.12 8.30 1.02
C GLY A 20 21.01 7.56 2.00
N MET A 21 21.93 6.75 1.45
CA MET A 21 22.86 5.91 2.19
C MET A 21 23.97 5.51 1.25
N PRO A 22 25.26 5.70 1.55
CA PRO A 22 26.30 5.19 0.64
C PRO A 22 26.27 3.66 0.58
N VAL A 23 26.44 3.10 -0.64
CA VAL A 23 26.40 1.65 -0.94
C VAL A 23 27.49 0.88 -0.17
N CYS A 24 28.64 1.53 0.07
CA CYS A 24 29.76 0.95 0.82
C CYS A 24 29.39 0.64 2.28
N GLU A 25 28.30 1.20 2.80
CA GLU A 25 27.83 0.87 4.14
C GLU A 25 27.31 -0.59 4.16
N PHE A 26 26.77 -1.09 3.02
CA PHE A 26 26.30 -2.47 2.91
C PHE A 26 27.48 -3.45 2.76
N ASP A 27 28.59 -3.00 2.14
CA ASP A 27 29.81 -3.79 1.96
C ASP A 27 30.46 -4.07 3.31
N MET A 28 30.39 -3.11 4.25
CA MET A 28 30.97 -3.22 5.59
C MET A 28 30.21 -4.16 6.52
N VAL A 29 28.97 -4.57 6.16
CA VAL A 29 28.18 -5.44 7.03
C VAL A 29 28.65 -6.89 6.92
N LYS A 30 29.08 -7.47 8.03
CA LYS A 30 29.60 -8.83 8.04
C LYS A 30 28.52 -9.90 8.17
N ASP A 31 27.27 -9.55 8.51
CA ASP A 31 26.13 -10.49 8.64
C ASP A 31 25.99 -11.33 7.33
N PRO A 32 26.19 -12.65 7.41
CA PRO A 32 26.17 -13.47 6.17
C PRO A 32 24.83 -13.44 5.44
N GLU A 33 23.72 -13.24 6.17
CA GLU A 33 22.40 -13.16 5.58
C GLU A 33 22.30 -11.92 4.67
N VAL A 34 22.90 -10.82 5.07
CA VAL A 34 22.92 -9.58 4.31
C VAL A 34 23.70 -9.79 3.02
N GLN A 35 24.92 -10.33 3.10
CA GLN A 35 25.74 -10.53 1.90
C GLN A 35 25.20 -11.61 0.97
N ASP A 36 24.52 -12.61 1.53
CA ASP A 36 23.89 -13.62 0.71
C ASP A 36 22.69 -13.03 -0.02
N PHE A 37 21.92 -12.12 0.65
CA PHE A 37 20.78 -11.47 0.00
C PHE A 37 21.27 -10.61 -1.15
N ARG A 38 22.31 -9.81 -0.93
CA ARG A 38 22.85 -8.93 -1.98
C ARG A 38 23.24 -9.67 -3.22
N ARG A 39 23.83 -10.87 -3.07
CA ARG A 39 24.24 -11.65 -4.24
C ARG A 39 23.06 -12.43 -4.85
N ASN A 40 22.26 -13.13 -4.03
CA ASN A 40 21.14 -13.92 -4.51
C ASN A 40 19.99 -13.13 -5.15
N ILE A 41 19.74 -11.89 -4.72
CA ILE A 41 18.67 -11.08 -5.32
C ILE A 41 18.97 -10.74 -6.79
N LEU A 42 20.26 -10.72 -7.18
CA LEU A 42 20.68 -10.44 -8.57
C LEU A 42 20.09 -11.40 -9.61
N ASN A 43 19.60 -12.56 -9.19
CA ASN A 43 18.94 -13.50 -10.10
C ASN A 43 17.61 -12.90 -10.56
N VAL A 44 16.86 -12.27 -9.62
CA VAL A 44 15.58 -11.62 -9.91
C VAL A 44 15.80 -10.45 -10.86
N CYS A 45 16.88 -9.71 -10.66
CA CYS A 45 17.30 -8.59 -11.49
C CYS A 45 17.52 -9.05 -12.92
N LYS A 46 18.30 -10.14 -13.12
CA LYS A 46 18.59 -10.69 -14.45
C LYS A 46 17.34 -11.22 -15.12
N GLU A 47 16.45 -11.90 -14.38
CA GLU A 47 15.20 -12.39 -14.98
C GLU A 47 14.37 -11.23 -15.53
N ALA A 48 14.27 -10.10 -14.76
CA ALA A 48 13.50 -8.95 -15.16
C ALA A 48 14.14 -8.23 -16.36
N VAL A 49 15.47 -8.06 -16.33
CA VAL A 49 16.19 -7.46 -17.44
C VAL A 49 16.03 -8.29 -18.72
N ASP A 50 15.95 -9.63 -18.61
CA ASP A 50 15.77 -10.48 -19.77
C ASP A 50 14.36 -10.27 -20.35
N LEU A 51 13.36 -10.07 -19.49
CA LEU A 51 11.98 -9.82 -19.93
C LEU A 51 11.90 -8.50 -20.69
N ARG A 52 12.73 -7.52 -20.32
CA ARG A 52 12.81 -6.20 -20.94
C ARG A 52 13.51 -6.19 -22.29
N ASP A 53 14.32 -7.22 -22.58
CA ASP A 53 14.99 -7.31 -23.89
C ASP A 53 14.46 -8.41 -24.79
N LEU A 54 13.51 -9.23 -24.30
CA LEU A 54 12.88 -10.33 -25.02
C LEU A 54 12.30 -9.84 -26.35
N ASN A 55 11.39 -8.85 -26.34
CA ASN A 55 10.82 -8.34 -27.59
C ASN A 55 11.26 -6.90 -27.76
N SER A 56 12.56 -6.64 -27.61
CA SER A 56 13.07 -5.28 -27.74
C SER A 56 12.87 -4.75 -29.17
N PRO A 57 12.56 -3.45 -29.35
CA PRO A 57 12.39 -2.41 -28.35
C PRO A 57 10.95 -2.26 -27.84
N HIS A 58 9.99 -3.06 -28.34
CA HIS A 58 8.60 -2.95 -27.88
C HIS A 58 8.48 -3.24 -26.40
N SER A 59 9.17 -4.29 -25.92
CA SER A 59 9.11 -4.68 -24.52
C SER A 59 9.82 -3.68 -23.62
N ARG A 60 10.79 -2.94 -24.14
CA ARG A 60 11.45 -1.89 -23.36
C ARG A 60 10.50 -0.68 -23.20
N ALA A 61 9.76 -0.34 -24.27
CA ALA A 61 8.76 0.72 -24.28
C ALA A 61 7.61 0.39 -23.37
N MET A 62 7.18 -0.88 -23.32
CA MET A 62 6.09 -1.30 -22.44
C MET A 62 6.48 -1.44 -20.96
N TYR A 63 7.78 -1.41 -20.68
CA TYR A 63 8.27 -1.46 -19.31
C TYR A 63 8.21 -0.02 -18.79
N VAL A 64 8.74 0.94 -19.56
CA VAL A 64 8.75 2.36 -19.23
C VAL A 64 7.32 2.92 -19.28
N TYR A 65 6.54 2.57 -20.30
CA TYR A 65 5.20 3.11 -20.44
C TYR A 65 4.17 1.99 -20.46
N PRO A 66 3.94 1.35 -19.31
CA PRO A 66 2.95 0.27 -19.27
C PRO A 66 1.55 0.82 -19.47
N PRO A 67 0.68 0.10 -20.19
CA PRO A 67 -0.69 0.58 -20.40
C PRO A 67 -1.43 0.70 -19.08
N ASN A 68 -2.10 1.83 -18.87
CA ASN A 68 -2.85 2.06 -17.64
C ASN A 68 -4.26 1.58 -17.86
N VAL A 69 -4.54 0.30 -17.63
CA VAL A 69 -5.86 -0.27 -17.87
C VAL A 69 -6.56 -0.77 -16.61
N GLU A 70 -7.89 -0.95 -16.69
CA GLU A 70 -8.69 -1.53 -15.62
C GLU A 70 -8.50 -3.06 -15.67
N SER A 71 -8.93 -3.78 -14.62
CA SER A 71 -8.74 -5.24 -14.57
C SER A 71 -9.61 -6.01 -15.54
N SER A 72 -10.81 -5.49 -15.82
CA SER A 72 -11.77 -6.17 -16.69
C SER A 72 -12.22 -5.34 -17.89
N PRO A 73 -12.36 -5.97 -19.06
CA PRO A 73 -12.87 -5.24 -20.23
C PRO A 73 -14.38 -4.98 -20.18
N GLU A 74 -15.12 -5.75 -19.38
CA GLU A 74 -16.57 -5.60 -19.27
C GLU A 74 -16.91 -4.23 -18.68
N LEU A 75 -17.80 -3.47 -19.32
CA LEU A 75 -18.20 -2.17 -18.80
C LEU A 75 -19.51 -2.33 -18.05
N PRO A 76 -19.62 -1.83 -16.81
CA PRO A 76 -20.89 -1.95 -16.07
C PRO A 76 -22.05 -1.30 -16.83
N LYS A 77 -23.26 -1.83 -16.69
CA LYS A 77 -24.44 -1.37 -17.41
C LYS A 77 -24.64 0.14 -17.43
N HIS A 78 -24.35 0.85 -16.32
CA HIS A 78 -24.54 2.31 -16.26
C HIS A 78 -23.46 3.10 -16.98
N ILE A 79 -22.30 2.49 -17.24
CA ILE A 79 -21.22 3.15 -17.98
C ILE A 79 -21.49 2.95 -19.47
N TYR A 80 -21.95 1.74 -19.88
CA TYR A 80 -22.32 1.45 -21.26
C TYR A 80 -23.47 2.38 -21.73
N ASN A 81 -24.38 2.77 -20.82
CA ASN A 81 -25.50 3.67 -21.12
C ASN A 81 -25.03 5.08 -21.49
N LYS A 82 -23.86 5.50 -20.99
CA LYS A 82 -23.32 6.81 -21.30
C LYS A 82 -22.80 6.90 -22.76
N LEU A 83 -22.57 5.75 -23.43
CA LEU A 83 -22.15 5.70 -24.82
C LEU A 83 -23.36 5.93 -25.78
N ASP A 84 -23.06 6.21 -27.07
CA ASP A 84 -24.06 6.41 -28.12
C ASP A 84 -24.13 5.09 -28.88
N LYS A 85 -25.09 4.22 -28.53
CA LYS A 85 -25.26 2.89 -29.15
C LYS A 85 -23.95 2.07 -29.12
N GLY A 86 -23.28 2.08 -27.97
CA GLY A 86 -22.04 1.35 -27.75
C GLY A 86 -20.82 1.94 -28.42
N GLN A 87 -20.87 3.21 -28.83
CA GLN A 87 -19.78 3.87 -29.51
C GLN A 87 -19.34 5.16 -28.83
N ILE A 88 -18.03 5.43 -28.87
CA ILE A 88 -17.43 6.60 -28.25
C ILE A 88 -16.90 7.56 -29.30
N ILE A 89 -17.00 8.87 -29.01
CA ILE A 89 -16.44 9.91 -29.85
C ILE A 89 -15.06 10.32 -29.30
N VAL A 90 -14.00 10.13 -30.10
CA VAL A 90 -12.63 10.43 -29.69
C VAL A 90 -11.97 11.42 -30.64
N VAL A 91 -11.06 12.24 -30.14
CA VAL A 91 -10.34 13.21 -30.98
C VAL A 91 -8.92 12.74 -31.14
N ILE A 92 -8.47 12.53 -32.36
CA ILE A 92 -7.11 12.09 -32.64
C ILE A 92 -6.38 13.26 -33.20
N TRP A 93 -5.31 13.66 -32.57
CA TRP A 93 -4.52 14.79 -33.01
C TRP A 93 -3.29 14.34 -33.80
N VAL A 94 -2.77 15.17 -34.69
CA VAL A 94 -1.58 14.87 -35.49
C VAL A 94 -0.74 16.14 -35.61
N ILE A 95 0.53 16.10 -35.16
CA ILE A 95 1.40 17.26 -35.26
C ILE A 95 2.11 17.17 -36.63
N VAL A 96 1.93 18.21 -37.47
CA VAL A 96 2.48 18.23 -38.82
C VAL A 96 3.52 19.36 -38.93
N SER A 97 4.75 19.10 -38.47
CA SER A 97 5.86 20.06 -38.59
C SER A 97 6.12 20.37 -40.10
N PRO A 98 6.59 21.58 -40.50
CA PRO A 98 7.03 22.72 -39.68
C PRO A 98 5.90 23.46 -38.95
N ASN A 99 6.27 24.50 -38.15
CA ASN A 99 5.36 25.33 -37.37
C ASN A 99 4.61 24.58 -36.26
N ASN A 100 4.82 23.24 -36.13
CA ASN A 100 4.20 22.37 -35.12
C ASN A 100 2.66 22.49 -35.18
N ASP A 101 2.06 22.52 -36.39
CA ASP A 101 0.60 22.71 -36.50
C ASP A 101 -0.18 21.49 -36.02
N LYS A 102 -1.21 21.76 -35.23
CA LYS A 102 -2.04 20.70 -34.68
C LYS A 102 -3.29 20.48 -35.53
N GLN A 103 -3.46 19.27 -36.05
CA GLN A 103 -4.62 18.91 -36.83
C GLN A 103 -5.43 17.88 -36.08
N LYS A 104 -6.72 18.12 -35.83
CA LYS A 104 -7.56 17.15 -35.14
C LYS A 104 -8.49 16.43 -36.10
N TYR A 105 -8.78 15.16 -35.81
CA TYR A 105 -9.69 14.35 -36.59
C TYR A 105 -10.61 13.64 -35.58
N THR A 106 -11.90 13.98 -35.57
CA THR A 106 -12.88 13.42 -34.64
C THR A 106 -13.46 12.10 -35.18
N LEU A 107 -13.48 11.05 -34.36
CA LEU A 107 -14.00 9.74 -34.77
C LEU A 107 -15.16 9.32 -33.88
N LYS A 108 -15.96 8.36 -34.33
CA LYS A 108 -17.03 7.76 -33.55
C LYS A 108 -16.81 6.28 -33.83
N ILE A 109 -16.15 5.60 -32.90
CA ILE A 109 -15.79 4.20 -33.04
C ILE A 109 -16.35 3.37 -31.89
N ASN A 110 -16.37 2.04 -32.03
CA ASN A 110 -16.88 1.16 -30.98
C ASN A 110 -15.99 1.27 -29.76
N HIS A 111 -16.62 1.29 -28.57
CA HIS A 111 -15.89 1.40 -27.31
C HIS A 111 -14.81 0.33 -27.15
N ASP A 112 -14.97 -0.83 -27.77
CA ASP A 112 -13.98 -1.90 -27.65
C ASP A 112 -12.98 -1.99 -28.83
N CYS A 113 -12.85 -0.93 -29.62
CA CYS A 113 -11.88 -0.92 -30.72
C CYS A 113 -10.47 -0.94 -30.17
N VAL A 114 -9.57 -1.79 -30.68
CA VAL A 114 -8.19 -1.80 -30.20
C VAL A 114 -7.42 -0.57 -30.76
N PRO A 115 -6.31 -0.15 -30.13
CA PRO A 115 -5.60 1.04 -30.62
C PRO A 115 -5.28 1.07 -32.12
N GLU A 116 -4.92 -0.07 -32.73
CA GLU A 116 -4.60 -0.09 -34.16
C GLU A 116 -5.84 0.19 -35.04
N GLN A 117 -7.01 -0.27 -34.61
CA GLN A 117 -8.25 -0.01 -35.34
C GLN A 117 -8.57 1.49 -35.32
N VAL A 118 -8.29 2.16 -34.19
CA VAL A 118 -8.52 3.59 -33.99
C VAL A 118 -7.55 4.39 -34.86
N ILE A 119 -6.28 3.98 -34.89
CA ILE A 119 -5.26 4.64 -35.70
C ILE A 119 -5.61 4.51 -37.19
N ALA A 120 -6.08 3.31 -37.61
CA ALA A 120 -6.45 3.10 -39.01
C ALA A 120 -7.62 3.97 -39.41
N GLU A 121 -8.61 4.15 -38.53
CA GLU A 121 -9.76 5.00 -38.82
C GLU A 121 -9.35 6.47 -38.92
N ALA A 122 -8.31 6.88 -38.18
CA ALA A 122 -7.80 8.25 -38.22
C ALA A 122 -7.03 8.46 -39.52
N ILE A 123 -6.22 7.46 -39.95
CA ILE A 123 -5.45 7.51 -41.20
C ILE A 123 -6.42 7.64 -42.37
N ARG A 124 -7.52 6.86 -42.35
CA ARG A 124 -8.55 6.90 -43.38
C ARG A 124 -9.18 8.30 -43.47
N LYS A 125 -9.61 8.88 -42.32
CA LYS A 125 -10.21 10.20 -42.28
C LYS A 125 -9.23 11.32 -42.69
N LYS A 126 -7.94 11.13 -42.40
CA LYS A 126 -6.91 12.12 -42.75
C LYS A 126 -6.63 12.10 -44.24
N THR A 127 -6.42 10.89 -44.81
CA THR A 127 -6.13 10.74 -46.23
C THR A 127 -7.31 11.11 -47.15
N ARG A 128 -8.55 11.17 -46.59
CA ARG A 128 -9.72 11.53 -47.38
C ARG A 128 -9.75 13.04 -47.53
N SER A 129 -8.92 13.58 -48.44
CA SER A 129 -8.83 15.02 -48.68
C SER A 129 -8.96 15.33 -50.17
N GLN A 145 0.90 2.47 -41.78
CA GLN A 145 -0.15 1.47 -41.57
C GLN A 145 -0.21 1.03 -40.08
N GLY A 146 0.95 0.67 -39.54
CA GLY A 146 1.15 0.25 -38.15
C GLY A 146 2.48 0.72 -37.58
N LYS A 147 3.02 1.83 -38.13
CA LYS A 147 4.27 2.42 -37.62
C LYS A 147 3.99 3.63 -36.68
N TYR A 148 2.75 3.74 -36.16
CA TYR A 148 2.26 4.78 -35.26
C TYR A 148 1.70 4.18 -33.98
N ILE A 149 1.70 4.99 -32.89
CA ILE A 149 1.17 4.64 -31.57
C ILE A 149 0.33 5.81 -31.06
N LEU A 150 -0.60 5.53 -30.12
CA LEU A 150 -1.45 6.59 -29.58
C LEU A 150 -1.03 6.97 -28.14
N LYS A 151 -0.88 8.29 -27.87
CA LYS A 151 -0.49 8.87 -26.57
C LYS A 151 -1.64 9.73 -26.03
N VAL A 152 -1.79 9.88 -24.69
CA VAL A 152 -2.84 10.75 -24.13
C VAL A 152 -2.36 12.18 -24.26
N CYS A 153 -3.15 13.11 -24.82
CA CYS A 153 -2.72 14.50 -24.95
C CYS A 153 -2.53 15.11 -23.55
N GLY A 154 -1.36 15.71 -23.31
CA GLY A 154 -1.09 16.38 -22.04
C GLY A 154 -0.23 15.65 -21.02
N CYS A 155 -0.03 14.33 -21.17
CA CYS A 155 0.79 13.56 -20.22
C CYS A 155 1.46 12.38 -20.90
N ASP A 156 2.48 11.79 -20.24
CA ASP A 156 3.21 10.66 -20.81
C ASP A 156 2.52 9.33 -20.54
N GLU A 157 1.38 9.12 -21.20
CA GLU A 157 0.65 7.88 -21.07
C GLU A 157 0.40 7.34 -22.48
N TYR A 158 0.80 6.10 -22.75
CA TYR A 158 0.63 5.53 -24.09
C TYR A 158 -0.30 4.33 -24.13
N PHE A 159 -0.86 4.07 -25.33
CA PHE A 159 -1.75 2.95 -25.62
C PHE A 159 -0.99 1.93 -26.47
N LEU A 160 0.06 1.31 -25.89
CA LEU A 160 0.97 0.37 -26.56
C LEU A 160 0.48 -1.07 -26.62
N GLU A 161 -0.73 -1.37 -26.15
CA GLU A 161 -1.19 -2.76 -26.16
C GLU A 161 -2.62 -2.91 -26.70
N LYS A 162 -2.91 -4.11 -27.28
CA LYS A 162 -4.12 -4.48 -27.97
C LYS A 162 -5.38 -4.59 -27.09
N TYR A 163 -5.47 -3.81 -26.02
CA TYR A 163 -6.65 -3.84 -25.16
C TYR A 163 -7.76 -3.06 -25.87
N PRO A 164 -9.04 -3.42 -25.60
CA PRO A 164 -10.14 -2.60 -26.11
C PRO A 164 -10.03 -1.19 -25.51
N LEU A 165 -10.19 -0.16 -26.35
CA LEU A 165 -10.03 1.21 -25.93
C LEU A 165 -10.67 1.59 -24.60
N SER A 166 -11.90 1.12 -24.34
CA SER A 166 -12.62 1.43 -23.10
C SER A 166 -12.00 0.84 -21.83
N GLN A 167 -11.10 -0.15 -21.97
CA GLN A 167 -10.42 -0.72 -20.79
C GLN A 167 -9.33 0.23 -20.25
N TYR A 168 -8.76 1.11 -21.11
CA TYR A 168 -7.76 2.08 -20.70
C TYR A 168 -8.42 3.05 -19.73
N LYS A 169 -7.80 3.25 -18.54
CA LYS A 169 -8.36 4.04 -17.46
C LYS A 169 -8.72 5.42 -17.89
N TYR A 170 -7.88 6.06 -18.73
CA TYR A 170 -8.14 7.38 -19.27
C TYR A 170 -9.45 7.39 -20.06
N ILE A 171 -9.65 6.41 -20.98
CA ILE A 171 -10.85 6.33 -21.82
C ILE A 171 -12.06 6.06 -20.95
N ARG A 172 -11.96 5.06 -20.06
CA ARG A 172 -13.05 4.70 -19.14
C ARG A 172 -13.46 5.93 -18.29
N SER A 173 -12.47 6.73 -17.87
CA SER A 173 -12.71 7.93 -17.10
C SER A 173 -13.40 9.01 -17.92
N CYS A 174 -13.15 9.05 -19.24
CA CYS A 174 -13.78 10.04 -20.09
C CYS A 174 -15.25 9.68 -20.36
N ILE A 175 -15.58 8.38 -20.58
CA ILE A 175 -16.96 7.88 -20.78
C ILE A 175 -17.82 8.32 -19.58
N MET A 176 -17.44 7.91 -18.35
CA MET A 176 -18.02 8.43 -17.10
C MET A 176 -17.46 9.88 -17.02
N LEU A 177 -18.19 10.87 -16.47
CA LEU A 177 -17.70 12.28 -16.47
C LEU A 177 -18.15 13.01 -17.78
N GLY A 178 -18.39 12.26 -18.85
CA GLY A 178 -18.85 12.82 -20.13
C GLY A 178 -17.87 13.66 -20.92
N ARG A 179 -16.58 13.55 -20.63
CA ARG A 179 -15.54 14.31 -21.32
C ARG A 179 -15.07 13.65 -22.61
N MET A 180 -14.39 14.43 -23.49
CA MET A 180 -13.94 13.90 -24.78
C MET A 180 -12.50 13.47 -24.78
N PRO A 181 -12.22 12.20 -25.11
CA PRO A 181 -10.83 11.74 -25.14
C PRO A 181 -10.00 12.44 -26.19
N ASN A 182 -8.85 12.95 -25.82
CA ASN A 182 -7.95 13.60 -26.77
C ASN A 182 -6.69 12.79 -26.80
N LEU A 183 -6.47 12.07 -27.89
CA LEU A 183 -5.29 11.25 -28.08
C LEU A 183 -4.42 11.87 -29.17
N MET A 184 -3.15 11.50 -29.20
CA MET A 184 -2.21 12.05 -30.17
C MET A 184 -1.56 10.92 -30.94
N LEU A 185 -1.60 10.97 -32.28
CA LEU A 185 -0.95 9.96 -33.10
C LEU A 185 0.54 10.34 -33.16
N MET A 186 1.41 9.44 -32.65
CA MET A 186 2.84 9.62 -32.55
C MET A 186 3.59 8.56 -33.36
N ALA A 187 4.72 8.96 -33.96
CA ALA A 187 5.53 8.06 -34.76
C ALA A 187 6.16 7.03 -33.82
N LYS A 188 6.01 5.70 -34.10
CA LYS A 188 6.60 4.65 -33.27
C LYS A 188 8.10 4.85 -33.08
N GLU A 189 8.79 5.32 -34.13
CA GLU A 189 10.23 5.60 -34.08
C GLU A 189 10.54 6.74 -33.12
N SER A 190 9.67 7.76 -33.06
CA SER A 190 9.89 8.90 -32.19
C SER A 190 9.87 8.53 -30.71
N LEU A 191 9.11 7.48 -30.34
CA LEU A 191 9.10 7.02 -28.96
C LEU A 191 10.31 6.14 -28.70
N TYR A 192 10.53 5.09 -29.54
CA TYR A 192 11.61 4.10 -29.41
C TYR A 192 12.98 4.73 -29.36
N SER A 193 13.18 5.81 -30.09
CA SER A 193 14.46 6.51 -30.10
C SER A 193 14.75 7.21 -28.76
N GLN A 194 13.70 7.57 -28.02
CA GLN A 194 13.87 8.23 -26.73
C GLN A 194 13.94 7.23 -25.54
N LEU A 195 14.00 5.92 -25.84
CA LEU A 195 14.18 4.88 -24.82
C LEU A 195 15.70 4.64 -24.72
N PRO A 196 16.21 4.44 -23.51
CA PRO A 196 17.66 4.27 -23.35
C PRO A 196 18.20 2.90 -23.76
N MET A 197 19.54 2.78 -23.86
CA MET A 197 20.23 1.53 -24.17
C MET A 197 20.70 0.85 -22.85
N ASP A 198 20.02 -0.26 -22.47
CA ASP A 198 20.22 -1.06 -21.25
C ASP A 198 21.67 -1.62 -21.03
N CYS A 199 21.97 -2.05 -19.79
CA CYS A 199 23.25 -2.66 -19.44
C CYS A 199 23.06 -3.71 -18.32
N PHE A 200 22.46 -3.28 -17.18
CA PHE A 200 22.13 -4.09 -15.98
C PHE A 200 23.22 -5.04 -15.50
N THR A 201 24.49 -4.71 -15.83
CA THR A 201 25.72 -5.47 -15.55
C THR A 201 25.86 -5.84 -14.09
N MET A 202 26.32 -7.06 -13.84
CA MET A 202 26.48 -7.59 -12.49
C MET A 202 27.47 -6.78 -11.68
N PRO A 203 27.13 -6.49 -10.42
CA PRO A 203 28.07 -5.72 -9.58
C PRO A 203 29.29 -6.55 -9.15
N SER A 204 30.35 -5.85 -8.70
CA SER A 204 31.62 -6.46 -8.26
C SER A 204 31.46 -7.47 -7.11
N TYR A 205 30.46 -7.28 -6.22
CA TYR A 205 30.23 -8.19 -5.11
C TYR A 205 29.57 -9.53 -5.51
N SER A 206 29.58 -9.86 -6.81
CA SER A 206 29.01 -11.12 -7.28
C SER A 206 30.03 -11.95 -8.11
N THR A 222 25.06 -33.03 9.06
CA THR A 222 23.97 -32.41 9.81
C THR A 222 22.99 -33.42 10.42
N LYS A 223 22.45 -33.07 11.58
CA LYS A 223 21.43 -33.87 12.26
C LYS A 223 20.04 -33.25 11.97
N SER A 224 18.97 -34.03 12.15
CA SER A 224 17.61 -33.52 11.95
C SER A 224 17.04 -33.01 13.26
N LEU A 225 16.21 -31.97 13.21
CA LEU A 225 15.58 -31.42 14.41
C LEU A 225 14.72 -32.47 15.15
N TRP A 226 14.15 -33.42 14.42
CA TRP A 226 13.29 -34.45 14.98
C TRP A 226 14.02 -35.58 15.74
N VAL A 227 15.37 -35.64 15.64
CA VAL A 227 16.13 -36.66 16.39
C VAL A 227 16.71 -36.11 17.72
N ILE A 228 16.43 -34.83 18.08
CA ILE A 228 16.90 -34.22 19.32
C ILE A 228 15.76 -34.34 20.34
N ASN A 229 15.72 -35.43 21.12
CA ASN A 229 14.64 -35.70 22.08
C ASN A 229 14.75 -34.97 23.45
N SER A 230 15.10 -33.69 23.43
CA SER A 230 15.17 -32.89 24.65
C SER A 230 14.28 -31.63 24.56
N ALA A 231 13.86 -31.10 25.72
CA ALA A 231 13.07 -29.87 25.76
C ALA A 231 13.98 -28.66 25.46
N LEU A 232 13.38 -27.55 25.04
CA LEU A 232 14.16 -26.36 24.70
C LEU A 232 14.66 -25.65 25.95
N ARG A 233 15.94 -25.31 25.93
CA ARG A 233 16.59 -24.58 27.01
C ARG A 233 17.51 -23.51 26.42
N ILE A 234 17.55 -22.31 27.05
CA ILE A 234 18.38 -21.20 26.60
C ILE A 234 19.06 -20.55 27.79
N LYS A 235 20.37 -20.31 27.72
CA LYS A 235 21.09 -19.68 28.84
C LYS A 235 21.17 -18.18 28.67
N ILE A 236 20.77 -17.42 29.70
CA ILE A 236 20.88 -15.96 29.67
C ILE A 236 22.16 -15.60 30.43
N LEU A 237 23.23 -15.20 29.72
CA LEU A 237 24.52 -14.90 30.34
C LEU A 237 24.54 -13.56 31.09
N CYS A 238 24.66 -12.42 30.39
CA CYS A 238 24.74 -11.11 31.04
C CYS A 238 24.22 -10.00 30.11
N ALA A 239 24.03 -8.79 30.65
CA ALA A 239 23.56 -7.67 29.88
C ALA A 239 24.49 -6.51 30.02
N THR A 240 25.01 -5.97 28.91
CA THR A 240 25.85 -4.78 28.95
C THR A 240 25.05 -3.56 28.48
N TYR A 241 25.57 -2.36 28.72
CA TYR A 241 24.95 -1.09 28.34
C TYR A 241 23.61 -0.81 29.04
N VAL A 242 23.38 -1.38 30.23
CA VAL A 242 22.13 -1.13 30.96
C VAL A 242 22.33 -0.15 32.11
N ASN A 243 22.59 1.13 31.80
CA ASN A 243 22.81 2.14 32.85
C ASN A 243 21.53 2.54 33.59
N ILE A 249 14.97 1.18 38.49
CA ILE A 249 14.26 1.30 39.77
C ILE A 249 14.82 0.22 40.78
N ASP A 250 13.99 -0.60 41.48
CA ASP A 250 14.46 -1.57 42.46
C ASP A 250 15.30 -2.73 41.87
N LYS A 251 14.74 -3.53 40.95
CA LYS A 251 15.46 -4.66 40.39
C LYS A 251 15.16 -4.88 38.89
N ILE A 252 16.01 -5.69 38.23
CA ILE A 252 15.92 -5.97 36.80
C ILE A 252 15.92 -7.48 36.51
N TYR A 253 15.14 -7.92 35.52
CA TYR A 253 15.09 -9.33 35.13
C TYR A 253 14.82 -9.49 33.62
N VAL A 254 15.12 -10.65 33.06
CA VAL A 254 14.89 -10.93 31.66
C VAL A 254 13.63 -11.78 31.55
N ARG A 255 12.64 -11.31 30.77
CA ARG A 255 11.38 -12.01 30.48
C ARG A 255 11.55 -12.66 29.09
N THR A 256 11.29 -13.98 28.96
CA THR A 256 11.45 -14.67 27.67
C THR A 256 10.20 -15.49 27.27
N GLY A 257 10.08 -15.84 25.99
CA GLY A 257 8.95 -16.64 25.51
C GLY A 257 9.16 -17.22 24.13
N ILE A 258 8.58 -18.39 23.86
CA ILE A 258 8.66 -19.03 22.55
C ILE A 258 7.32 -18.77 21.84
N TYR A 259 7.37 -18.09 20.70
CA TYR A 259 6.17 -17.68 19.98
C TYR A 259 6.17 -18.12 18.51
N HIS A 260 4.98 -18.19 17.93
CA HIS A 260 4.74 -18.47 16.52
C HIS A 260 3.75 -17.36 16.18
N GLY A 261 4.24 -16.33 15.49
CA GLY A 261 3.44 -15.14 15.23
C GLY A 261 3.33 -14.40 16.54
N GLY A 262 2.12 -14.01 16.89
CA GLY A 262 1.89 -13.36 18.20
C GLY A 262 1.36 -14.33 19.23
N GLU A 263 1.40 -15.66 18.96
CA GLU A 263 0.86 -16.70 19.85
C GLU A 263 1.95 -17.50 20.57
N PRO A 264 1.90 -17.57 21.91
CA PRO A 264 2.93 -18.32 22.64
C PRO A 264 2.73 -19.81 22.51
N LEU A 265 3.82 -20.55 22.25
CA LEU A 265 3.78 -22.01 22.12
C LEU A 265 3.88 -22.73 23.48
N CYS A 266 4.37 -22.02 24.51
CA CYS A 266 4.53 -22.49 25.87
C CYS A 266 4.43 -21.28 26.83
N ASP A 267 4.56 -21.51 28.15
CA ASP A 267 4.51 -20.41 29.11
C ASP A 267 5.81 -19.59 29.05
N ASN A 268 5.72 -18.31 29.44
CA ASN A 268 6.88 -17.43 29.51
C ASN A 268 7.79 -17.86 30.68
N VAL A 269 9.11 -17.70 30.52
CA VAL A 269 10.08 -18.05 31.55
C VAL A 269 10.97 -16.84 31.87
N ASN A 270 11.08 -16.47 33.17
CA ASN A 270 11.90 -15.33 33.60
C ASN A 270 13.17 -15.75 34.35
N THR A 271 14.21 -14.92 34.24
CA THR A 271 15.42 -15.12 35.03
C THR A 271 15.13 -14.56 36.46
N GLN A 272 16.07 -14.73 37.42
CA GLN A 272 15.89 -14.16 38.76
C GLN A 272 16.12 -12.65 38.72
N ARG A 273 15.51 -11.90 39.65
CA ARG A 273 15.67 -10.45 39.72
C ARG A 273 17.06 -10.09 40.28
N VAL A 274 17.74 -9.10 39.70
CA VAL A 274 19.07 -8.67 40.14
C VAL A 274 19.13 -7.15 40.36
N PRO A 279 24.44 -6.50 34.72
CA PRO A 279 23.78 -7.63 35.39
C PRO A 279 24.09 -8.97 34.74
N ARG A 280 24.55 -9.89 35.56
CA ARG A 280 24.91 -11.23 35.14
C ARG A 280 23.89 -12.17 35.74
N TRP A 281 23.40 -13.09 34.94
CA TRP A 281 22.43 -14.08 35.41
C TRP A 281 23.07 -15.47 35.33
N ASN A 282 23.79 -15.75 34.21
CA ASN A 282 24.48 -17.02 33.88
C ASN A 282 23.58 -18.26 34.04
N GLU A 283 22.24 -18.06 33.95
CA GLU A 283 21.17 -19.02 34.20
C GLU A 283 20.51 -19.67 32.98
N TRP A 284 20.35 -21.01 33.01
CA TRP A 284 19.67 -21.76 31.97
C TRP A 284 18.16 -21.69 32.22
N LEU A 285 17.41 -21.25 31.20
CA LEU A 285 15.96 -21.15 31.25
C LEU A 285 15.40 -22.38 30.51
N ASN A 286 14.46 -23.08 31.14
CA ASN A 286 13.89 -24.31 30.60
C ASN A 286 12.45 -24.07 30.16
N TYR A 287 12.13 -24.43 28.92
CA TYR A 287 10.79 -24.19 28.39
C TYR A 287 9.94 -25.46 28.31
N ASP A 288 8.60 -25.30 28.43
CA ASP A 288 7.68 -26.44 28.36
C ASP A 288 7.33 -26.80 26.91
N ILE A 289 8.36 -27.05 26.09
CA ILE A 289 8.20 -27.42 24.69
C ILE A 289 9.40 -28.28 24.28
N TYR A 290 9.15 -29.42 23.63
CA TYR A 290 10.23 -30.30 23.19
C TYR A 290 10.78 -29.81 21.85
N ILE A 291 12.11 -29.86 21.65
CA ILE A 291 12.78 -29.40 20.41
C ILE A 291 12.12 -29.88 19.11
N PRO A 292 11.71 -31.16 18.95
CA PRO A 292 11.05 -31.58 17.69
C PRO A 292 9.67 -30.94 17.45
N ASP A 293 8.99 -30.51 18.50
CA ASP A 293 7.69 -29.83 18.39
C ASP A 293 7.80 -28.32 18.05
N LEU A 294 9.02 -27.82 17.81
CA LEU A 294 9.23 -26.42 17.48
C LEU A 294 8.90 -26.22 16.02
N PRO A 295 7.93 -25.34 15.71
CA PRO A 295 7.62 -25.05 14.30
C PRO A 295 8.75 -24.27 13.62
N ARG A 296 8.79 -24.28 12.27
CA ARG A 296 9.83 -23.62 11.50
C ARG A 296 9.93 -22.11 11.73
N ALA A 297 8.79 -21.44 11.99
CA ALA A 297 8.77 -20.01 12.21
C ALA A 297 8.79 -19.62 13.67
N ALA A 298 9.28 -20.53 14.57
CA ALA A 298 9.34 -20.26 16.01
C ALA A 298 10.35 -19.17 16.30
N ARG A 299 9.99 -18.25 17.19
CA ARG A 299 10.84 -17.14 17.56
C ARG A 299 10.99 -17.02 19.08
N LEU A 300 12.16 -16.61 19.54
CA LEU A 300 12.42 -16.36 20.94
C LEU A 300 12.15 -14.87 21.13
N CYS A 301 11.25 -14.49 22.03
CA CYS A 301 10.97 -13.10 22.29
C CYS A 301 11.51 -12.75 23.70
N LEU A 302 12.50 -11.82 23.80
CA LEU A 302 13.16 -11.41 25.03
C LEU A 302 12.75 -10.01 25.46
N SER A 303 13.01 -9.66 26.72
CA SER A 303 12.69 -8.36 27.28
C SER A 303 13.49 -8.16 28.56
N ILE A 304 13.93 -6.93 28.85
CA ILE A 304 14.60 -6.62 30.11
C ILE A 304 13.57 -5.80 30.85
N CYS A 305 13.00 -6.34 31.91
CA CYS A 305 11.97 -5.64 32.66
C CYS A 305 12.45 -5.12 34.00
N SER A 306 11.76 -4.08 34.47
CA SER A 306 11.99 -3.38 35.72
C SER A 306 10.89 -3.76 36.72
N VAL A 307 11.23 -3.81 38.01
CA VAL A 307 10.24 -4.10 39.06
C VAL A 307 10.30 -2.96 40.09
N LYS A 314 1.34 -6.19 44.75
CA LYS A 314 1.14 -4.93 44.04
C LYS A 314 2.42 -4.44 43.34
N GLU A 315 3.23 -5.38 42.82
CA GLU A 315 4.50 -5.06 42.14
C GLU A 315 4.30 -4.37 40.80
N GLU A 316 5.06 -3.29 40.54
CA GLU A 316 4.95 -2.54 39.29
C GLU A 316 6.01 -2.99 38.27
N HIS A 317 5.58 -3.65 37.17
CA HIS A 317 6.49 -4.14 36.12
C HIS A 317 6.50 -3.24 34.86
N CYS A 318 7.69 -3.04 34.26
CA CYS A 318 7.78 -2.23 33.03
C CYS A 318 8.92 -2.70 32.14
N PRO A 319 8.67 -2.88 30.82
CA PRO A 319 9.77 -3.25 29.92
C PRO A 319 10.73 -2.08 29.65
N LEU A 320 12.04 -2.35 29.68
CA LEU A 320 13.09 -1.35 29.44
C LEU A 320 13.69 -1.45 28.03
N ALA A 321 13.65 -2.65 27.43
CA ALA A 321 14.19 -2.94 26.10
C ALA A 321 13.69 -4.31 25.66
N TRP A 322 13.59 -4.56 24.35
CA TRP A 322 13.10 -5.85 23.85
C TRP A 322 13.91 -6.32 22.64
N GLY A 323 13.85 -7.60 22.34
CA GLY A 323 14.56 -8.17 21.20
C GLY A 323 14.01 -9.54 20.87
N ASN A 324 13.88 -9.87 19.59
CA ASN A 324 13.34 -11.17 19.18
C ASN A 324 14.36 -11.87 18.30
N ILE A 325 14.45 -13.19 18.40
CA ILE A 325 15.42 -13.97 17.63
C ILE A 325 14.71 -15.15 16.98
N ASN A 326 14.95 -15.37 15.69
CA ASN A 326 14.37 -16.53 15.00
C ASN A 326 15.13 -17.77 15.53
N LEU A 327 14.42 -18.80 16.03
CA LEU A 327 15.10 -20.00 16.54
C LEU A 327 15.83 -20.79 15.45
N PHE A 328 15.46 -20.61 14.20
CA PHE A 328 16.15 -21.23 13.07
C PHE A 328 16.64 -20.09 12.17
N ASP A 329 17.84 -20.19 11.59
CA ASP A 329 18.34 -19.11 10.74
C ASP A 329 17.85 -19.26 9.26
N TYR A 330 18.33 -18.40 8.35
CA TYR A 330 17.93 -18.45 6.95
C TYR A 330 18.35 -19.69 6.21
N THR A 331 19.30 -20.45 6.75
CA THR A 331 19.71 -21.72 6.14
C THR A 331 18.97 -22.94 6.80
N ASP A 332 17.91 -22.69 7.60
CA ASP A 332 17.10 -23.69 8.33
C ASP A 332 17.86 -24.35 9.51
N THR A 333 18.99 -23.75 9.94
CA THR A 333 19.79 -24.29 11.05
C THR A 333 19.26 -23.81 12.38
N LEU A 334 19.03 -24.72 13.37
CA LEU A 334 18.61 -24.30 14.71
C LEU A 334 19.78 -23.52 15.34
N VAL A 335 19.52 -22.37 15.97
CA VAL A 335 20.59 -21.56 16.55
C VAL A 335 21.32 -22.27 17.70
N SER A 336 22.65 -22.15 17.73
CA SER A 336 23.47 -22.80 18.75
C SER A 336 24.72 -21.95 19.04
N GLY A 337 25.24 -22.10 20.25
CA GLY A 337 26.43 -21.37 20.67
C GLY A 337 26.09 -20.06 21.33
N LYS A 338 27.10 -19.22 21.52
CA LYS A 338 26.90 -17.90 22.13
C LYS A 338 26.47 -16.88 21.07
N MET A 339 25.71 -15.88 21.50
CA MET A 339 25.19 -14.83 20.63
C MET A 339 25.02 -13.53 21.42
N ALA A 340 25.08 -12.38 20.73
CA ALA A 340 24.92 -11.07 21.38
C ALA A 340 23.77 -10.26 20.79
N LEU A 341 22.62 -10.19 21.48
CA LEU A 341 21.47 -9.45 20.95
C LEU A 341 21.36 -8.01 21.45
N ASN A 342 21.47 -7.04 20.53
CA ASN A 342 21.26 -5.64 20.90
C ASN A 342 19.77 -5.33 20.89
N LEU A 343 19.25 -4.86 22.00
CA LEU A 343 17.83 -4.61 22.20
C LEU A 343 17.38 -3.25 21.68
N TRP A 344 16.03 -3.09 21.57
CA TRP A 344 15.35 -1.92 21.02
C TRP A 344 14.58 -1.21 22.10
N PRO A 345 14.43 0.12 21.99
CA PRO A 345 13.61 0.83 22.96
C PRO A 345 12.15 0.42 22.86
N VAL A 346 11.43 0.47 23.98
CA VAL A 346 10.03 0.08 24.00
C VAL A 346 9.17 1.06 23.25
N PRO A 347 8.35 0.57 22.28
CA PRO A 347 7.45 1.49 21.57
C PRO A 347 6.27 1.90 22.47
N HIS A 348 5.80 3.15 22.30
CA HIS A 348 4.70 3.73 23.06
C HIS A 348 3.44 2.86 22.95
N GLY A 349 2.78 2.62 24.07
CA GLY A 349 1.56 1.83 24.13
C GLY A 349 1.75 0.33 23.95
N LEU A 350 2.79 -0.24 24.58
CA LEU A 350 3.04 -1.67 24.46
C LEU A 350 1.95 -2.51 25.17
N GLU A 351 1.55 -2.16 26.41
CA GLU A 351 0.49 -2.83 27.19
C GLU A 351 0.81 -4.30 27.61
N ASP A 352 2.05 -4.73 27.43
CA ASP A 352 2.51 -6.06 27.81
C ASP A 352 4.03 -6.02 28.06
N LEU A 353 4.59 -7.09 28.63
CA LEU A 353 6.03 -7.12 28.91
C LEU A 353 6.87 -7.54 27.69
N LEU A 354 6.26 -8.29 26.75
CA LEU A 354 6.96 -8.74 25.54
C LEU A 354 6.41 -8.02 24.29
N ASN A 355 7.18 -8.04 23.18
CA ASN A 355 6.77 -7.47 21.87
C ASN A 355 6.99 -8.54 20.78
N PRO A 356 6.13 -9.58 20.74
CA PRO A 356 6.35 -10.69 19.78
C PRO A 356 6.13 -10.36 18.32
N ILE A 357 5.29 -9.34 18.05
CA ILE A 357 5.04 -8.89 16.69
C ILE A 357 6.23 -8.06 16.16
N GLY A 358 6.97 -7.39 17.06
CA GLY A 358 8.09 -6.54 16.70
C GLY A 358 9.16 -7.18 15.84
N VAL A 359 9.96 -6.33 15.17
CA VAL A 359 11.06 -6.74 14.29
C VAL A 359 11.97 -7.78 14.94
N THR A 360 12.40 -8.75 14.14
CA THR A 360 13.30 -9.81 14.55
C THR A 360 14.74 -9.42 14.17
N GLY A 361 15.68 -9.67 15.05
CA GLY A 361 17.06 -9.33 14.79
C GLY A 361 17.64 -8.32 15.76
N SER A 362 18.97 -8.28 15.80
CA SER A 362 19.74 -7.41 16.66
C SER A 362 19.67 -5.98 16.18
N ASN A 363 19.53 -5.02 17.11
CA ASN A 363 19.53 -3.59 16.81
C ASN A 363 20.84 -3.22 16.13
N PRO A 364 20.80 -2.49 15.00
CA PRO A 364 22.05 -2.11 14.31
C PRO A 364 22.93 -1.15 15.13
N ASN A 365 22.32 -0.34 16.02
CA ASN A 365 23.05 0.54 16.95
C ASN A 365 23.60 -0.40 18.03
N LYS A 366 24.88 -0.76 17.93
CA LYS A 366 25.49 -1.70 18.89
C LYS A 366 25.81 -1.08 20.30
N GLU A 367 25.56 0.22 20.46
CA GLU A 367 25.75 0.91 21.73
C GLU A 367 24.42 1.11 22.45
N THR A 368 23.74 0.00 22.66
CA THR A 368 22.42 -0.18 23.28
C THR A 368 22.48 -1.40 24.19
N PRO A 369 21.51 -1.60 25.11
CA PRO A 369 21.52 -2.85 25.94
C PRO A 369 21.80 -4.11 25.13
N CYS A 370 22.86 -4.82 25.44
CA CYS A 370 23.27 -6.00 24.69
C CYS A 370 23.20 -7.22 25.59
N LEU A 371 22.30 -8.15 25.28
CA LEU A 371 22.10 -9.35 26.07
C LEU A 371 22.86 -10.49 25.44
N GLU A 372 23.74 -11.16 26.21
CA GLU A 372 24.51 -12.29 25.71
C GLU A 372 23.81 -13.58 26.09
N LEU A 373 23.55 -14.42 25.09
CA LEU A 373 22.80 -15.65 25.29
C LEU A 373 23.58 -16.84 24.78
N GLU A 374 23.34 -18.02 25.37
CA GLU A 374 24.00 -19.25 24.93
C GLU A 374 22.95 -20.34 24.66
N PHE A 375 23.10 -20.98 23.51
CA PHE A 375 22.20 -22.02 23.07
C PHE A 375 22.95 -23.35 23.08
N ASP A 376 22.22 -24.46 23.33
CA ASP A 376 22.82 -25.79 23.34
C ASP A 376 23.46 -26.14 21.99
N TRP A 377 24.50 -26.99 22.04
CA TRP A 377 25.20 -27.49 20.85
C TRP A 377 25.10 -29.00 20.93
N PHE A 378 24.38 -29.63 19.99
CA PHE A 378 24.20 -31.08 20.02
C PHE A 378 25.21 -31.83 19.15
N SER A 379 26.50 -31.43 19.23
CA SER A 379 27.66 -32.02 18.55
C SER A 379 27.67 -31.86 17.01
N SER A 380 26.51 -31.55 16.43
CA SER A 380 26.37 -31.36 14.99
C SER A 380 25.42 -30.18 14.69
N VAL A 381 25.42 -29.73 13.43
CA VAL A 381 24.54 -28.66 12.99
C VAL A 381 23.13 -29.25 12.85
N VAL A 382 22.16 -28.77 13.68
CA VAL A 382 20.77 -29.24 13.63
C VAL A 382 19.99 -28.45 12.55
N LYS A 383 19.23 -29.16 11.69
CA LYS A 383 18.49 -28.53 10.60
C LYS A 383 17.03 -28.91 10.65
N PHE A 384 16.18 -28.04 10.13
CA PHE A 384 14.75 -28.34 10.04
C PHE A 384 14.59 -29.41 8.95
N PRO A 385 13.80 -30.46 9.22
CA PRO A 385 13.66 -31.56 8.25
C PRO A 385 13.14 -31.16 6.87
N ASP A 386 13.63 -31.85 5.81
CA ASP A 386 13.22 -31.64 4.41
C ASP A 386 11.71 -31.91 4.23
N MET A 387 11.12 -31.43 3.13
CA MET A 387 9.69 -31.65 2.86
C MET A 387 9.34 -33.16 2.83
N SER A 388 10.20 -33.98 2.22
CA SER A 388 10.01 -35.44 2.14
C SER A 388 9.99 -36.09 3.52
N VAL A 389 10.86 -35.64 4.44
CA VAL A 389 10.91 -36.16 5.81
C VAL A 389 9.63 -35.79 6.57
N ILE A 390 9.13 -34.57 6.37
CA ILE A 390 7.90 -34.08 6.98
C ILE A 390 6.70 -34.89 6.48
N GLU A 391 6.70 -35.18 5.17
CA GLU A 391 5.67 -35.96 4.47
C GLU A 391 5.57 -37.36 5.06
N GLU A 392 6.72 -38.01 5.34
CA GLU A 392 6.74 -39.32 5.94
C GLU A 392 6.09 -39.30 7.35
N HIS A 393 6.38 -38.27 8.17
CA HIS A 393 5.81 -38.15 9.52
C HIS A 393 4.31 -37.83 9.50
N ALA A 394 3.87 -37.12 8.46
CA ALA A 394 2.45 -36.78 8.31
C ALA A 394 1.66 -38.05 8.01
N ASN A 395 2.22 -38.96 7.19
CA ASN A 395 1.59 -40.24 6.85
C ASN A 395 1.58 -41.14 8.09
N TRP A 396 2.69 -41.19 8.84
CA TRP A 396 2.78 -41.96 10.09
C TRP A 396 1.81 -41.43 11.17
N SER A 397 1.33 -40.19 11.05
CA SER A 397 0.39 -39.60 11.99
C SER A 397 -1.07 -40.06 11.77
N VAL A 398 -1.31 -41.05 10.89
CA VAL A 398 -2.65 -41.57 10.65
C VAL A 398 -2.61 -43.08 10.39
N ARG A 422 -20.59 -36.27 7.44
CA ARG A 422 -22.04 -36.13 7.38
C ARG A 422 -22.47 -34.83 6.70
N GLU A 423 -23.71 -34.80 6.17
CA GLU A 423 -24.29 -33.64 5.47
C GLU A 423 -24.55 -32.48 6.42
N ASN A 424 -24.88 -32.76 7.69
CA ASN A 424 -25.08 -31.72 8.70
C ASN A 424 -23.72 -31.03 9.04
N ASP A 425 -22.62 -31.82 8.98
CA ASP A 425 -21.26 -31.33 9.23
C ASP A 425 -20.74 -30.52 8.06
N LYS A 426 -21.12 -30.87 6.81
CA LYS A 426 -20.71 -30.13 5.62
C LYS A 426 -21.39 -28.74 5.56
N GLU A 427 -22.61 -28.64 6.09
CA GLU A 427 -23.32 -27.35 6.17
C GLU A 427 -22.78 -26.49 7.32
N GLN A 428 -22.30 -27.14 8.41
CA GLN A 428 -21.72 -26.42 9.54
C GLN A 428 -20.35 -25.84 9.14
N LEU A 429 -19.58 -26.55 8.29
CA LEU A 429 -18.29 -26.06 7.79
C LEU A 429 -18.51 -24.88 6.86
N LYS A 430 -19.60 -24.91 6.07
CA LYS A 430 -19.92 -23.83 5.14
C LYS A 430 -20.28 -22.55 5.90
N ALA A 431 -20.92 -22.67 7.08
CA ALA A 431 -21.29 -21.51 7.88
C ALA A 431 -20.05 -20.85 8.51
N ILE A 432 -19.14 -21.68 9.04
CA ILE A 432 -17.89 -21.19 9.65
C ILE A 432 -17.01 -20.53 8.58
N SER A 433 -16.96 -21.13 7.38
CA SER A 433 -16.20 -20.64 6.23
C SER A 433 -16.58 -19.22 5.81
N THR A 434 -17.85 -18.82 6.02
CA THR A 434 -18.32 -17.48 5.64
C THR A 434 -18.09 -16.39 6.69
N ARG A 435 -17.53 -16.76 7.85
CA ARG A 435 -17.27 -15.79 8.91
C ARG A 435 -16.03 -14.95 8.60
N ASP A 436 -16.05 -13.68 9.02
CA ASP A 436 -14.99 -12.72 8.75
C ASP A 436 -13.68 -13.04 9.50
N PRO A 437 -12.53 -12.53 9.03
CA PRO A 437 -11.26 -12.81 9.71
C PRO A 437 -11.19 -12.54 11.22
N LEU A 438 -11.99 -11.59 11.74
CA LEU A 438 -11.96 -11.28 13.17
C LEU A 438 -13.06 -11.94 13.98
N SER A 439 -13.87 -12.81 13.36
CA SER A 439 -14.93 -13.51 14.07
C SER A 439 -14.30 -14.56 14.96
N GLU A 440 -14.80 -14.67 16.20
CA GLU A 440 -14.29 -15.62 17.18
C GLU A 440 -14.59 -17.07 16.81
N ILE A 441 -13.56 -17.91 16.86
CA ILE A 441 -13.69 -19.34 16.59
C ILE A 441 -13.38 -20.07 17.91
N THR A 442 -14.44 -20.61 18.54
CA THR A 442 -14.40 -21.34 19.82
C THR A 442 -13.45 -22.56 19.78
N GLU A 443 -13.12 -23.15 20.94
CA GLU A 443 -12.25 -24.32 20.98
C GLU A 443 -12.93 -25.54 20.33
N GLN A 444 -14.26 -25.66 20.50
CA GLN A 444 -15.02 -26.76 19.90
C GLN A 444 -14.96 -26.65 18.37
N GLU A 445 -15.09 -25.41 17.84
CA GLU A 445 -15.04 -25.15 16.41
C GLU A 445 -13.66 -25.41 15.83
N LYS A 446 -12.60 -25.08 16.58
CA LYS A 446 -11.24 -25.32 16.10
C LYS A 446 -10.95 -26.82 15.99
N ASP A 447 -11.48 -27.61 16.93
CA ASP A 447 -11.33 -29.06 16.92
C ASP A 447 -12.18 -29.67 15.78
N PHE A 448 -13.39 -29.11 15.57
CA PHE A 448 -14.31 -29.51 14.52
C PHE A 448 -13.66 -29.31 13.15
N LEU A 449 -13.13 -28.09 12.88
CA LEU A 449 -12.47 -27.76 11.60
C LEU A 449 -11.25 -28.64 11.34
N TRP A 450 -10.43 -28.89 12.38
CA TRP A 450 -9.24 -29.72 12.23
C TRP A 450 -9.56 -31.19 11.97
N SER A 451 -10.65 -31.70 12.59
CA SER A 451 -11.02 -33.10 12.36
C SER A 451 -11.54 -33.30 10.91
N HIS A 452 -12.17 -32.27 10.33
CA HIS A 452 -12.65 -32.33 8.96
C HIS A 452 -11.68 -31.68 7.95
N ARG A 453 -10.38 -31.59 8.32
CA ARG A 453 -9.33 -30.98 7.52
C ARG A 453 -9.22 -31.55 6.10
N HIS A 454 -9.69 -32.78 5.89
CA HIS A 454 -9.64 -33.39 4.57
C HIS A 454 -10.81 -32.97 3.71
N TYR A 455 -11.99 -32.78 4.32
CA TYR A 455 -13.15 -32.27 3.59
C TYR A 455 -12.97 -30.77 3.21
N CYS A 456 -12.12 -30.05 3.96
CA CYS A 456 -11.88 -28.63 3.81
C CYS A 456 -11.20 -28.23 2.53
N VAL A 457 -10.42 -29.14 1.92
CA VAL A 457 -9.77 -28.86 0.64
C VAL A 457 -10.80 -28.58 -0.52
N THR A 458 -12.09 -28.83 -0.26
CA THR A 458 -13.21 -28.64 -1.20
C THR A 458 -13.94 -27.26 -1.01
N ILE A 459 -13.62 -26.53 0.09
CA ILE A 459 -14.07 -25.17 0.40
C ILE A 459 -12.74 -24.42 0.63
N PRO A 460 -11.99 -24.10 -0.46
CA PRO A 460 -10.65 -23.52 -0.28
C PRO A 460 -10.59 -22.22 0.52
N GLU A 461 -11.69 -21.45 0.54
CA GLU A 461 -11.78 -20.21 1.31
C GLU A 461 -11.68 -20.43 2.85
N ILE A 462 -11.73 -21.69 3.31
CA ILE A 462 -11.63 -21.98 4.74
C ILE A 462 -10.16 -22.20 5.21
N LEU A 463 -9.16 -22.10 4.30
CA LEU A 463 -7.76 -22.28 4.68
C LEU A 463 -7.30 -21.39 5.85
N PRO A 464 -7.59 -20.06 5.88
CA PRO A 464 -7.17 -19.27 7.04
C PRO A 464 -7.81 -19.71 8.35
N LYS A 465 -9.06 -20.19 8.31
CA LYS A 465 -9.71 -20.68 9.52
C LYS A 465 -9.12 -22.03 9.97
N LEU A 466 -8.76 -22.90 9.03
CA LEU A 466 -8.13 -24.18 9.36
C LEU A 466 -6.72 -23.97 9.92
N LEU A 467 -5.92 -23.03 9.36
CA LEU A 467 -4.56 -22.77 9.86
C LEU A 467 -4.56 -22.27 11.30
N LEU A 468 -5.63 -21.57 11.71
CA LEU A 468 -5.73 -21.13 13.10
C LEU A 468 -6.07 -22.27 14.06
N SER A 469 -6.68 -23.34 13.56
CA SER A 469 -7.11 -24.51 14.32
C SER A 469 -5.94 -25.45 14.64
N VAL A 470 -4.88 -25.45 13.80
CA VAL A 470 -3.69 -26.27 13.97
C VAL A 470 -2.94 -25.91 15.26
N LYS A 471 -2.49 -26.92 16.00
CA LYS A 471 -1.69 -26.69 17.19
C LYS A 471 -0.26 -26.54 16.64
N TRP A 472 0.27 -25.31 16.58
CA TRP A 472 1.61 -25.10 16.02
C TRP A 472 2.73 -25.61 16.92
N ASN A 473 2.42 -25.89 18.20
CA ASN A 473 3.38 -26.48 19.13
C ASN A 473 3.35 -28.03 19.06
N SER A 474 2.72 -28.63 18.03
CA SER A 474 2.63 -30.08 17.88
C SER A 474 3.07 -30.46 16.48
N ARG A 475 4.25 -31.09 16.33
CA ARG A 475 4.79 -31.48 15.02
C ARG A 475 3.96 -32.52 14.27
N ASP A 476 3.05 -33.22 14.96
CA ASP A 476 2.20 -34.23 14.34
C ASP A 476 1.11 -33.52 13.52
N GLU A 477 0.50 -32.46 14.10
CA GLU A 477 -0.53 -31.68 13.41
C GLU A 477 0.10 -30.82 12.33
N VAL A 478 1.25 -30.18 12.63
CA VAL A 478 1.94 -29.33 11.67
C VAL A 478 2.41 -30.11 10.44
N ALA A 479 2.85 -31.36 10.61
CA ALA A 479 3.25 -32.17 9.45
C ALA A 479 2.05 -32.46 8.56
N GLN A 480 0.88 -32.71 9.16
CA GLN A 480 -0.33 -32.96 8.39
C GLN A 480 -0.82 -31.67 7.71
N MET A 481 -0.64 -30.51 8.36
CA MET A 481 -1.03 -29.22 7.78
C MET A 481 -0.17 -28.87 6.58
N TYR A 482 1.12 -29.21 6.62
CA TYR A 482 2.04 -28.99 5.53
C TYR A 482 1.61 -29.76 4.28
N CYS A 483 1.13 -31.00 4.46
CA CYS A 483 0.68 -31.84 3.34
C CYS A 483 -0.57 -31.25 2.72
N LEU A 484 -1.50 -30.77 3.53
CA LEU A 484 -2.72 -30.14 3.04
C LEU A 484 -2.41 -28.83 2.29
N VAL A 485 -1.45 -28.03 2.80
CA VAL A 485 -1.08 -26.80 2.16
C VAL A 485 -0.40 -27.07 0.81
N LYS A 486 0.46 -28.09 0.77
CA LYS A 486 1.20 -28.46 -0.46
C LYS A 486 0.28 -28.87 -1.63
N ASP A 487 -1.00 -29.23 -1.36
CA ASP A 487 -1.93 -29.59 -2.43
C ASP A 487 -3.19 -28.70 -2.49
N TRP A 488 -3.29 -27.67 -1.61
CA TRP A 488 -4.45 -26.77 -1.53
C TRP A 488 -4.77 -26.07 -2.87
N PRO A 489 -6.06 -26.00 -3.26
CA PRO A 489 -6.40 -25.30 -4.51
C PRO A 489 -6.15 -23.81 -4.37
N PRO A 490 -5.70 -23.16 -5.44
CA PRO A 490 -5.46 -21.72 -5.37
C PRO A 490 -6.72 -20.94 -5.01
N ILE A 491 -6.54 -19.87 -4.24
CA ILE A 491 -7.63 -18.98 -3.84
C ILE A 491 -7.42 -17.58 -4.46
N LYS A 492 -8.48 -16.74 -4.46
CA LYS A 492 -8.45 -15.37 -5.02
C LYS A 492 -7.41 -14.49 -4.28
N PRO A 493 -6.72 -13.57 -4.98
CA PRO A 493 -5.70 -12.74 -4.31
C PRO A 493 -6.18 -12.03 -3.06
N GLU A 494 -7.39 -11.46 -3.06
CA GLU A 494 -7.89 -10.77 -1.86
C GLU A 494 -8.02 -11.70 -0.66
N GLN A 495 -8.13 -13.02 -0.87
CA GLN A 495 -8.20 -14.01 0.21
C GLN A 495 -6.81 -14.54 0.59
N ALA A 496 -5.90 -14.62 -0.38
CA ALA A 496 -4.51 -15.01 -0.15
C ALA A 496 -3.75 -13.94 0.65
N MET A 497 -4.17 -12.66 0.57
CA MET A 497 -3.53 -11.57 1.28
C MET A 497 -3.76 -11.64 2.79
N GLU A 498 -4.83 -12.30 3.23
CA GLU A 498 -5.08 -12.49 4.65
C GLU A 498 -3.96 -13.36 5.26
N LEU A 499 -3.46 -14.35 4.49
CA LEU A 499 -2.36 -15.21 4.92
C LEU A 499 -0.99 -14.53 4.93
N LEU A 500 -0.91 -13.23 4.57
CA LEU A 500 0.34 -12.50 4.59
C LEU A 500 0.42 -11.48 5.75
N ASP A 501 -0.59 -11.44 6.64
CA ASP A 501 -0.49 -10.54 7.80
C ASP A 501 0.41 -11.23 8.89
N CYS A 502 0.57 -10.58 10.02
CA CYS A 502 1.43 -11.06 11.13
C CYS A 502 0.90 -12.36 11.81
N ASN A 503 -0.39 -12.70 11.59
CA ASN A 503 -1.01 -13.91 12.13
C ASN A 503 -0.50 -15.19 11.51
N TYR A 504 0.06 -15.14 10.29
CA TYR A 504 0.49 -16.35 9.59
C TYR A 504 1.99 -16.31 9.27
N PRO A 505 2.86 -16.66 10.24
CA PRO A 505 4.31 -16.58 9.99
C PRO A 505 4.94 -17.75 9.26
N ASP A 506 4.23 -18.87 9.18
CA ASP A 506 4.78 -20.07 8.55
C ASP A 506 5.21 -19.86 7.11
N PRO A 507 6.45 -20.21 6.77
CA PRO A 507 6.91 -20.00 5.37
C PRO A 507 6.20 -20.82 4.30
N MET A 508 5.58 -21.97 4.65
CA MET A 508 4.82 -22.76 3.67
C MET A 508 3.45 -22.11 3.41
N VAL A 509 2.85 -21.54 4.45
CA VAL A 509 1.59 -20.83 4.34
C VAL A 509 1.82 -19.57 3.54
N ARG A 510 2.86 -18.81 3.86
CA ARG A 510 3.21 -17.59 3.19
C ARG A 510 3.62 -17.82 1.73
N GLY A 511 4.28 -18.94 1.46
CA GLY A 511 4.66 -19.32 0.10
C GLY A 511 3.45 -19.63 -0.75
N PHE A 512 2.44 -20.32 -0.16
CA PHE A 512 1.19 -20.62 -0.87
C PHE A 512 0.53 -19.31 -1.30
N ALA A 513 0.41 -18.36 -0.36
CA ALA A 513 -0.18 -17.04 -0.53
C ALA A 513 0.51 -16.27 -1.66
N VAL A 514 1.86 -16.27 -1.70
CA VAL A 514 2.60 -15.60 -2.75
C VAL A 514 2.36 -16.25 -4.11
N ARG A 515 2.23 -17.59 -4.15
CA ARG A 515 1.95 -18.30 -5.39
C ARG A 515 0.56 -17.94 -5.92
N CYS A 516 -0.44 -17.74 -5.02
CA CYS A 516 -1.78 -17.26 -5.44
C CYS A 516 -1.70 -15.86 -6.05
N LEU A 517 -0.77 -15.02 -5.57
CA LEU A 517 -0.59 -13.66 -6.05
C LEU A 517 0.10 -13.69 -7.39
N GLU A 518 1.13 -14.52 -7.57
CA GLU A 518 1.82 -14.61 -8.86
C GLU A 518 0.89 -15.14 -9.95
N LYS A 519 0.01 -16.07 -9.59
CA LYS A 519 -0.93 -16.65 -10.52
C LYS A 519 -2.07 -15.70 -10.91
N TYR A 520 -2.71 -15.05 -9.94
CA TYR A 520 -3.92 -14.29 -10.18
C TYR A 520 -3.92 -12.79 -9.94
N LEU A 521 -2.78 -12.14 -9.59
CA LEU A 521 -2.83 -10.70 -9.29
C LEU A 521 -2.47 -9.90 -10.51
N THR A 522 -3.40 -9.06 -11.01
CA THR A 522 -3.10 -8.23 -12.17
C THR A 522 -2.20 -7.08 -11.75
N ASP A 523 -1.48 -6.47 -12.72
CA ASP A 523 -0.65 -5.30 -12.41
C ASP A 523 -1.49 -4.14 -11.86
N ASP A 524 -2.76 -4.03 -12.27
CA ASP A 524 -3.68 -3.03 -11.80
C ASP A 524 -3.95 -3.22 -10.29
N LYS A 525 -4.38 -4.44 -9.88
CA LYS A 525 -4.64 -4.75 -8.48
C LYS A 525 -3.37 -4.68 -7.66
N LEU A 526 -2.23 -5.08 -8.22
CA LEU A 526 -0.95 -4.97 -7.51
C LEU A 526 -0.63 -3.48 -7.18
N SER A 527 -0.85 -2.54 -8.12
CA SER A 527 -0.67 -1.12 -7.84
C SER A 527 -1.63 -0.65 -6.78
N GLN A 528 -2.88 -1.10 -6.85
CA GLN A 528 -3.90 -0.76 -5.88
C GLN A 528 -3.51 -1.22 -4.46
N TYR A 529 -3.04 -2.47 -4.30
CA TYR A 529 -2.66 -2.97 -2.97
C TYR A 529 -1.17 -2.86 -2.66
N LEU A 530 -0.42 -2.00 -3.38
CA LEU A 530 1.02 -1.87 -3.13
C LEU A 530 1.37 -1.43 -1.72
N ILE A 531 0.59 -0.54 -1.09
CA ILE A 531 0.93 -0.12 0.26
C ILE A 531 0.78 -1.28 1.28
N GLN A 532 -0.17 -2.21 1.13
CA GLN A 532 -0.26 -3.36 2.06
C GLN A 532 0.84 -4.36 1.79
N LEU A 533 1.23 -4.57 0.51
CA LEU A 533 2.29 -5.51 0.17
C LEU A 533 3.67 -5.02 0.57
N VAL A 534 3.90 -3.70 0.55
CA VAL A 534 5.19 -3.16 1.00
C VAL A 534 5.28 -3.22 2.52
N GLN A 535 4.14 -3.10 3.21
CA GLN A 535 4.11 -3.18 4.67
C GLN A 535 4.31 -4.57 5.13
N VAL A 536 3.67 -5.56 4.47
CA VAL A 536 3.79 -6.96 4.94
C VAL A 536 5.18 -7.57 4.63
N LEU A 537 6.07 -6.83 3.94
CA LEU A 537 7.45 -7.26 3.78
C LEU A 537 8.15 -7.28 5.14
N LYS A 538 7.78 -6.36 6.05
CA LYS A 538 8.30 -6.26 7.40
C LYS A 538 8.01 -7.53 8.23
N TYR A 539 6.97 -8.29 7.90
CA TYR A 539 6.65 -9.51 8.66
C TYR A 539 7.47 -10.74 8.27
N GLU A 540 8.21 -10.68 7.16
CA GLU A 540 9.01 -11.81 6.71
C GLU A 540 10.16 -12.06 7.68
N GLN A 541 10.44 -13.34 8.01
CA GLN A 541 11.52 -13.69 8.94
C GLN A 541 12.90 -13.42 8.35
N TYR A 542 13.05 -13.65 7.05
CA TYR A 542 14.34 -13.55 6.37
C TYR A 542 14.36 -12.51 5.26
N LEU A 543 15.54 -11.97 4.94
CA LEU A 543 15.68 -10.99 3.88
C LEU A 543 15.28 -11.55 2.53
N ASP A 544 15.74 -12.77 2.20
CA ASP A 544 15.39 -13.38 0.93
C ASP A 544 14.17 -14.23 1.12
N ASN A 545 13.09 -13.86 0.47
CA ASN A 545 11.84 -14.60 0.60
C ASN A 545 11.04 -14.60 -0.71
N LEU A 546 9.93 -15.35 -0.75
CA LEU A 546 9.13 -15.43 -1.97
C LEU A 546 8.44 -14.08 -2.24
N LEU A 547 7.93 -13.43 -1.17
CA LEU A 547 7.24 -12.16 -1.33
C LEU A 547 8.13 -11.06 -1.91
N VAL A 548 9.31 -10.84 -1.35
CA VAL A 548 10.21 -9.80 -1.83
C VAL A 548 10.64 -10.04 -3.28
N ARG A 549 10.80 -11.32 -3.66
CA ARG A 549 11.21 -11.68 -5.01
C ARG A 549 10.08 -11.41 -6.00
N PHE A 550 8.83 -11.58 -5.57
CA PHE A 550 7.69 -11.30 -6.41
C PHE A 550 7.59 -9.79 -6.65
N LEU A 551 7.59 -8.99 -5.55
CA LEU A 551 7.47 -7.54 -5.63
C LEU A 551 8.58 -6.90 -6.43
N LEU A 552 9.82 -7.32 -6.20
CA LEU A 552 10.95 -6.78 -6.93
C LEU A 552 10.85 -7.13 -8.42
N LYS A 553 10.38 -8.35 -8.77
CA LYS A 553 10.25 -8.72 -10.19
C LYS A 553 9.21 -7.84 -10.87
N LYS A 554 8.07 -7.60 -10.17
CA LYS A 554 7.00 -6.73 -10.68
C LYS A 554 7.44 -5.25 -10.80
N ALA A 555 8.26 -4.76 -9.87
CA ALA A 555 8.79 -3.40 -9.90
C ALA A 555 9.83 -3.23 -10.99
N LEU A 556 10.59 -4.29 -11.27
CA LEU A 556 11.63 -4.29 -12.30
C LEU A 556 11.09 -4.61 -13.72
N THR A 557 9.77 -4.90 -13.85
CA THR A 557 9.15 -5.15 -15.16
C THR A 557 8.00 -4.19 -15.49
N ASN A 558 7.65 -3.28 -14.56
CA ASN A 558 6.59 -2.29 -14.75
C ASN A 558 7.09 -1.05 -14.05
N GLN A 559 7.54 -0.02 -14.79
CA GLN A 559 8.11 1.17 -14.21
C GLN A 559 7.13 1.98 -13.33
N ARG A 560 5.82 1.90 -13.62
CA ARG A 560 4.82 2.59 -12.80
C ARG A 560 4.75 1.91 -11.45
N ILE A 561 4.83 0.57 -11.40
CA ILE A 561 4.84 -0.14 -10.12
C ILE A 561 6.18 0.16 -9.41
N GLY A 562 7.27 0.13 -10.15
CA GLY A 562 8.59 0.41 -9.63
C GLY A 562 8.73 1.79 -9.02
N HIS A 563 8.10 2.79 -9.61
CA HIS A 563 8.15 4.16 -9.10
C HIS A 563 7.53 4.24 -7.73
N PHE A 564 6.33 3.71 -7.55
CA PHE A 564 5.67 3.68 -6.23
C PHE A 564 6.35 2.75 -5.26
N PHE A 565 6.93 1.66 -5.75
CA PHE A 565 7.69 0.71 -4.94
C PHE A 565 8.90 1.43 -4.34
N PHE A 566 9.61 2.22 -5.17
CA PHE A 566 10.76 2.99 -4.73
C PHE A 566 10.33 3.98 -3.63
N TRP A 567 9.24 4.75 -3.86
CA TRP A 567 8.85 5.76 -2.91
C TRP A 567 8.29 5.20 -1.65
N HIS A 568 7.58 4.06 -1.68
CA HIS A 568 7.04 3.44 -0.48
C HIS A 568 8.16 2.90 0.41
N LEU A 569 9.28 2.46 -0.20
CA LEU A 569 10.40 1.96 0.58
C LEU A 569 11.20 3.11 1.11
N LYS A 570 11.53 4.09 0.24
CA LYS A 570 12.33 5.26 0.60
C LYS A 570 11.70 6.06 1.74
N SER A 571 10.38 6.18 1.73
CA SER A 571 9.66 6.90 2.79
C SER A 571 9.74 6.23 4.17
N GLU A 572 10.36 5.05 4.27
CA GLU A 572 10.55 4.37 5.56
C GLU A 572 12.01 4.16 5.93
N MET A 573 12.93 4.73 5.18
CA MET A 573 14.35 4.63 5.46
C MET A 573 14.75 5.33 6.76
N HIS A 574 13.91 6.24 7.25
CA HIS A 574 14.20 6.95 8.50
C HIS A 574 13.95 6.02 9.70
N ASN A 575 13.04 5.03 9.57
CA ASN A 575 12.67 4.09 10.60
C ASN A 575 13.76 3.05 10.69
N LYS A 576 14.50 3.01 11.80
CA LYS A 576 15.64 2.12 11.94
C LYS A 576 15.29 0.63 12.07
N THR A 577 14.06 0.30 12.50
CA THR A 577 13.68 -1.12 12.60
C THR A 577 13.55 -1.76 11.22
N VAL A 578 13.52 -0.95 10.11
CA VAL A 578 13.40 -1.45 8.74
C VAL A 578 14.45 -0.94 7.81
N SER A 579 15.24 0.08 8.19
CA SER A 579 16.31 0.65 7.37
C SER A 579 17.15 -0.38 6.60
N GLN A 580 17.71 -1.42 7.27
CA GLN A 580 18.57 -2.43 6.64
C GLN A 580 17.85 -3.20 5.56
N ARG A 581 16.67 -3.78 5.89
CA ARG A 581 15.89 -4.56 4.94
C ARG A 581 15.51 -3.73 3.71
N PHE A 582 14.93 -2.55 3.93
CA PHE A 582 14.49 -1.66 2.87
C PHE A 582 15.63 -1.04 2.06
N GLY A 583 16.76 -0.80 2.71
CA GLY A 583 17.94 -0.25 2.05
C GLY A 583 18.58 -1.26 1.12
N LEU A 584 18.61 -2.53 1.56
CA LEU A 584 19.16 -3.60 0.73
C LEU A 584 18.25 -3.83 -0.47
N LEU A 585 16.94 -3.84 -0.23
CA LEU A 585 15.95 -4.01 -1.27
C LEU A 585 16.01 -2.84 -2.26
N LEU A 586 16.24 -1.61 -1.78
CA LEU A 586 16.35 -0.43 -2.66
C LEU A 586 17.59 -0.48 -3.53
N GLU A 587 18.70 -1.11 -3.03
CA GLU A 587 19.96 -1.23 -3.76
C GLU A 587 19.77 -2.10 -4.98
N SER A 588 19.10 -3.24 -4.78
CA SER A 588 18.80 -4.18 -5.85
C SER A 588 17.94 -3.51 -6.89
N TYR A 589 16.91 -2.76 -6.45
CA TYR A 589 16.03 -2.06 -7.35
C TYR A 589 16.80 -1.03 -8.18
N CYS A 590 17.65 -0.22 -7.57
CA CYS A 590 18.37 0.84 -8.29
C CYS A 590 19.38 0.30 -9.27
N ARG A 591 20.00 -0.81 -8.90
CA ARG A 591 20.99 -1.52 -9.72
C ARG A 591 20.37 -2.09 -11.02
N ALA A 592 19.09 -2.44 -11.00
CA ALA A 592 18.42 -3.05 -12.13
C ALA A 592 17.29 -2.21 -12.79
N CYS A 593 16.89 -1.03 -12.24
CA CYS A 593 15.78 -0.27 -12.85
C CYS A 593 16.13 0.43 -14.17
N GLY A 594 17.41 0.55 -14.47
CA GLY A 594 17.83 1.17 -15.72
C GLY A 594 17.93 2.66 -15.60
N MET A 595 17.87 3.39 -16.72
CA MET A 595 17.97 4.86 -16.71
C MET A 595 16.92 5.59 -15.87
N TYR A 596 15.87 4.89 -15.36
CA TYR A 596 14.91 5.54 -14.47
C TYR A 596 15.59 6.02 -13.21
N LEU A 597 16.74 5.44 -12.81
CA LEU A 597 17.47 5.90 -11.63
C LEU A 597 17.85 7.39 -11.75
N LYS A 598 18.16 7.86 -12.99
CA LYS A 598 18.48 9.26 -13.22
C LYS A 598 17.24 10.13 -12.97
N HIS A 599 16.05 9.64 -13.34
CA HIS A 599 14.81 10.36 -13.07
C HIS A 599 14.51 10.35 -11.59
N LEU A 600 14.72 9.21 -10.92
CA LEU A 600 14.50 9.12 -9.48
C LEU A 600 15.44 10.03 -8.72
N ASN A 601 16.68 10.21 -9.19
CA ASN A 601 17.62 11.13 -8.54
C ASN A 601 17.17 12.58 -8.64
N ARG A 602 16.54 12.98 -9.75
CA ARG A 602 16.01 14.32 -9.88
C ARG A 602 14.83 14.55 -8.90
N GLN A 603 14.01 13.50 -8.70
CA GLN A 603 12.89 13.58 -7.77
C GLN A 603 13.41 13.71 -6.36
N VAL A 604 14.42 12.90 -5.98
CA VAL A 604 15.04 12.90 -4.66
C VAL A 604 15.70 14.24 -4.37
N GLU A 605 16.44 14.81 -5.34
CA GLU A 605 17.08 16.11 -5.20
C GLU A 605 16.07 17.25 -5.00
N ALA A 606 14.96 17.29 -5.76
CA ALA A 606 13.95 18.31 -5.57
C ALA A 606 13.32 18.15 -4.17
N MET A 607 13.00 16.93 -3.76
CA MET A 607 12.43 16.68 -2.45
C MET A 607 13.36 17.11 -1.34
N GLU A 608 14.70 16.92 -1.49
CA GLU A 608 15.64 17.33 -0.43
C GLU A 608 15.71 18.84 -0.29
N LYS A 609 15.59 19.57 -1.41
CA LYS A 609 15.60 21.03 -1.37
C LYS A 609 14.35 21.52 -0.65
N LEU A 610 13.19 20.92 -0.93
CA LEU A 610 11.95 21.29 -0.27
C LEU A 610 11.95 20.91 1.19
N ILE A 611 12.58 19.82 1.56
CA ILE A 611 12.61 19.39 2.97
C ILE A 611 13.46 20.38 3.74
N ASN A 612 14.65 20.67 3.22
CA ASN A 612 15.58 21.62 3.85
C ASN A 612 14.94 23.01 3.94
N LEU A 613 14.31 23.50 2.86
CA LEU A 613 13.64 24.79 2.84
C LEU A 613 12.55 24.91 3.89
N THR A 614 11.58 23.98 3.91
CA THR A 614 10.49 23.97 4.89
C THR A 614 11.00 23.75 6.30
N ASP A 615 12.19 23.15 6.48
CA ASP A 615 12.79 22.95 7.80
C ASP A 615 13.35 24.27 8.31
N ILE A 616 13.99 25.06 7.41
CA ILE A 616 14.52 26.40 7.73
C ILE A 616 13.34 27.30 8.13
N LEU A 617 12.20 27.21 7.41
CA LEU A 617 10.99 27.97 7.73
C LEU A 617 10.43 27.55 9.08
N LYS A 618 10.33 26.27 9.39
CA LYS A 618 9.74 25.80 10.64
C LYS A 618 10.72 25.78 11.83
N GLN A 619 12.02 26.07 11.61
CA GLN A 619 12.98 26.12 12.72
C GLN A 619 13.54 27.55 12.86
N GLU A 620 14.27 28.07 11.85
CA GLU A 620 14.81 29.43 11.91
C GLU A 620 13.71 30.54 11.77
N LYS A 621 13.18 30.81 10.56
CA LYS A 621 12.18 31.86 10.37
C LYS A 621 10.74 31.50 10.84
N LYS A 622 10.63 30.62 11.85
CA LYS A 622 9.35 30.14 12.40
C LYS A 622 8.38 31.23 12.87
N ASP A 623 8.90 32.23 13.61
CA ASP A 623 8.05 33.24 14.20
C ASP A 623 7.79 34.45 13.31
N GLU A 624 8.67 34.74 12.33
CA GLU A 624 8.49 35.84 11.38
C GLU A 624 7.12 35.82 10.62
N THR A 625 6.71 36.96 10.08
CA THR A 625 5.40 37.09 9.40
C THR A 625 5.39 36.39 8.05
N GLN A 626 4.18 36.12 7.54
CA GLN A 626 4.01 35.47 6.25
C GLN A 626 4.69 36.24 5.12
N LYS A 627 4.60 37.58 5.11
CA LYS A 627 5.24 38.37 4.05
C LYS A 627 6.77 38.26 4.12
N VAL A 628 7.35 38.25 5.34
CA VAL A 628 8.81 38.11 5.52
C VAL A 628 9.26 36.69 5.13
N GLN A 629 8.40 35.67 5.37
CA GLN A 629 8.69 34.29 5.02
C GLN A 629 8.62 34.11 3.51
N MET A 630 7.65 34.72 2.85
CA MET A 630 7.53 34.67 1.41
C MET A 630 8.73 35.37 0.71
N LYS A 631 9.28 36.43 1.31
CA LYS A 631 10.45 37.12 0.77
C LYS A 631 11.64 36.18 0.80
N PHE A 632 11.77 35.37 1.88
CA PHE A 632 12.86 34.39 2.04
C PHE A 632 12.63 33.22 1.11
N LEU A 633 11.38 32.77 0.93
CA LEU A 633 11.07 31.64 0.05
C LEU A 633 11.43 32.01 -1.37
N VAL A 634 10.99 33.17 -1.85
CA VAL A 634 11.28 33.63 -3.21
C VAL A 634 12.79 33.78 -3.40
N GLU A 635 13.49 34.32 -2.41
CA GLU A 635 14.94 34.53 -2.44
C GLU A 635 15.71 33.21 -2.48
N GLN A 636 15.26 32.22 -1.70
CA GLN A 636 15.88 30.89 -1.68
C GLN A 636 15.61 30.14 -2.95
N MET A 637 14.38 30.22 -3.44
CA MET A 637 13.97 29.52 -4.64
C MET A 637 14.53 30.14 -5.92
N ARG A 638 14.95 31.43 -5.90
CA ARG A 638 15.53 32.04 -7.09
C ARG A 638 17.03 31.71 -7.23
N ARG A 639 17.69 31.14 -6.19
CA ARG A 639 19.09 30.73 -6.22
C ARG A 639 19.29 29.69 -7.30
N PRO A 640 20.40 29.74 -8.06
CA PRO A 640 20.58 28.79 -9.17
C PRO A 640 20.47 27.32 -8.75
N ASP A 641 21.10 26.94 -7.64
CA ASP A 641 21.08 25.57 -7.14
C ASP A 641 19.67 25.06 -6.94
N PHE A 642 18.79 25.91 -6.35
CA PHE A 642 17.40 25.55 -6.05
C PHE A 642 16.55 25.50 -7.29
N MET A 643 16.71 26.48 -8.18
CA MET A 643 15.92 26.55 -9.40
C MET A 643 16.16 25.37 -10.31
N ASP A 644 17.40 24.93 -10.39
CA ASP A 644 17.76 23.80 -11.22
C ASP A 644 17.19 22.52 -10.63
N ALA A 645 17.27 22.36 -9.31
CA ALA A 645 16.72 21.19 -8.64
C ALA A 645 15.22 21.12 -8.67
N LEU A 646 14.50 22.26 -8.71
CA LEU A 646 13.04 22.24 -8.64
C LEU A 646 12.28 22.35 -9.98
N GLN A 647 12.99 22.21 -11.10
CA GLN A 647 12.37 22.32 -12.41
C GLN A 647 12.88 21.20 -13.36
N GLY A 648 11.98 20.64 -14.14
CA GLY A 648 12.34 19.59 -15.08
C GLY A 648 12.55 18.27 -14.39
N PHE A 649 11.50 17.73 -13.78
CA PHE A 649 11.50 16.45 -13.09
C PHE A 649 10.11 15.87 -13.07
N LEU A 650 9.96 14.56 -12.97
CA LEU A 650 8.64 13.93 -12.95
C LEU A 650 7.97 14.05 -11.60
N SER A 651 6.66 14.16 -11.58
CA SER A 651 5.92 14.28 -10.34
C SER A 651 5.93 12.96 -9.56
N PRO A 652 6.44 12.93 -8.32
CA PRO A 652 6.36 11.71 -7.52
C PRO A 652 4.90 11.22 -7.30
N LEU A 653 3.92 12.12 -7.42
CA LEU A 653 2.52 11.76 -7.26
C LEU A 653 2.03 10.90 -8.45
N ASN A 654 2.57 11.18 -9.64
CA ASN A 654 2.21 10.51 -10.86
C ASN A 654 3.36 10.76 -11.88
N PRO A 655 4.23 9.76 -12.08
CA PRO A 655 5.41 9.96 -12.95
C PRO A 655 5.09 10.21 -14.42
N ALA A 656 3.81 10.04 -14.86
CA ALA A 656 3.35 10.37 -16.20
C ALA A 656 3.25 11.90 -16.38
N HIS A 657 3.26 12.69 -15.28
CA HIS A 657 3.21 14.16 -15.34
C HIS A 657 4.59 14.75 -15.19
N GLN A 658 5.02 15.55 -16.16
CA GLN A 658 6.28 16.25 -16.06
C GLN A 658 6.04 17.58 -15.35
N LEU A 659 6.97 17.97 -14.47
CA LEU A 659 6.90 19.24 -13.76
C LEU A 659 7.95 20.12 -14.38
N GLY A 660 7.52 21.02 -15.25
CA GLY A 660 8.43 21.89 -15.97
C GLY A 660 8.92 23.05 -15.12
N ASN A 661 8.69 24.27 -15.61
CA ASN A 661 9.11 25.46 -14.90
C ASN A 661 8.22 25.82 -13.74
N LEU A 662 8.83 26.19 -12.60
CA LEU A 662 8.14 26.64 -11.39
C LEU A 662 7.53 27.97 -11.68
N ARG A 663 6.23 28.14 -11.42
CA ARG A 663 5.53 29.40 -11.61
C ARG A 663 5.56 30.04 -10.22
N LEU A 664 6.72 30.64 -9.83
CA LEU A 664 6.94 31.20 -8.49
C LEU A 664 5.90 32.27 -8.09
N GLU A 665 5.32 32.98 -9.07
CA GLU A 665 4.27 33.94 -8.82
C GLU A 665 3.02 33.28 -8.20
N GLU A 666 2.78 31.98 -8.49
CA GLU A 666 1.62 31.25 -7.97
C GLU A 666 1.93 30.40 -6.74
N CYS A 667 3.18 30.37 -6.28
CA CYS A 667 3.56 29.58 -5.11
C CYS A 667 3.32 30.36 -3.84
N ARG A 668 2.74 29.73 -2.82
CA ARG A 668 2.42 30.43 -1.58
C ARG A 668 2.62 29.56 -0.34
N ILE A 669 3.00 30.17 0.78
CA ILE A 669 3.11 29.45 2.04
C ILE A 669 1.70 29.50 2.60
N MET A 670 1.01 28.37 2.70
CA MET A 670 -0.36 28.33 3.17
C MET A 670 -0.46 28.58 4.67
N SER A 671 -1.57 29.17 5.10
CA SER A 671 -1.81 29.41 6.52
C SER A 671 -2.52 28.21 7.20
N SER A 672 -2.59 27.04 6.53
CA SER A 672 -3.15 25.82 7.12
C SER A 672 -2.16 25.26 8.18
N ALA A 673 -2.62 24.30 9.02
CA ALA A 673 -1.80 23.72 10.09
C ALA A 673 -0.49 23.15 9.56
N LYS A 674 0.62 23.46 10.24
CA LYS A 674 2.00 23.06 9.90
C LYS A 674 2.59 23.87 8.71
N ARG A 675 1.86 24.89 8.23
CA ARG A 675 2.23 25.81 7.14
C ARG A 675 2.71 25.10 5.86
N PRO A 676 1.84 24.34 5.18
CA PRO A 676 2.28 23.67 3.94
C PRO A 676 2.57 24.63 2.78
N LEU A 677 3.30 24.16 1.78
CA LEU A 677 3.69 24.94 0.61
C LEU A 677 2.82 24.59 -0.55
N TRP A 678 2.14 25.55 -1.14
CA TRP A 678 1.34 25.33 -2.34
C TRP A 678 2.26 25.65 -3.50
N LEU A 679 2.61 24.64 -4.30
CA LEU A 679 3.54 24.83 -5.41
C LEU A 679 2.87 24.64 -6.74
N ASN A 680 3.29 25.41 -7.74
CA ASN A 680 2.67 25.38 -9.05
C ASN A 680 3.75 25.34 -10.07
N TRP A 681 3.69 24.35 -11.02
CA TRP A 681 4.65 24.13 -12.11
C TRP A 681 3.92 24.06 -13.41
N GLU A 682 4.53 24.53 -14.50
CA GLU A 682 3.93 24.41 -15.83
C GLU A 682 3.93 22.95 -16.23
N ASN A 683 3.03 22.54 -17.13
CA ASN A 683 3.06 21.20 -17.71
C ASN A 683 3.77 21.41 -19.06
N PRO A 684 4.96 20.82 -19.25
CA PRO A 684 5.69 21.06 -20.51
C PRO A 684 5.25 20.28 -21.72
N ASP A 685 4.16 19.52 -21.61
CA ASP A 685 3.66 18.73 -22.73
C ASP A 685 3.24 19.63 -23.86
N ILE A 686 3.57 19.27 -25.11
CA ILE A 686 3.23 20.10 -26.28
C ILE A 686 1.69 20.30 -26.41
N MET A 687 0.88 19.37 -25.85
CA MET A 687 -0.58 19.47 -25.88
C MET A 687 -1.16 19.66 -24.46
N SER A 688 -0.43 20.36 -23.56
CA SER A 688 -0.82 20.56 -22.15
C SER A 688 -2.21 21.12 -21.97
N GLU A 689 -2.62 22.01 -22.90
CA GLU A 689 -3.94 22.65 -22.92
C GLU A 689 -5.13 21.66 -22.98
N LEU A 690 -4.90 20.45 -23.49
CA LEU A 690 -5.96 19.44 -23.58
C LEU A 690 -6.09 18.58 -22.31
N LEU A 691 -5.38 18.92 -21.21
CA LEU A 691 -5.46 18.15 -19.97
C LEU A 691 -5.42 19.11 -18.80
N PHE A 692 -4.30 19.81 -18.61
CA PHE A 692 -4.10 20.84 -17.59
C PHE A 692 -2.82 21.59 -17.93
N GLN A 693 -2.88 22.93 -17.98
CA GLN A 693 -1.68 23.70 -18.32
C GLN A 693 -0.70 23.80 -17.15
N ASN A 694 -1.20 23.75 -15.92
CA ASN A 694 -0.40 23.91 -14.73
C ASN A 694 -0.73 22.80 -13.75
N ASN A 695 0.30 22.27 -13.09
CA ASN A 695 0.22 21.21 -12.11
C ASN A 695 0.47 21.81 -10.75
N GLU A 696 -0.52 21.71 -9.85
CA GLU A 696 -0.39 22.30 -8.50
C GLU A 696 -0.27 21.20 -7.49
N ILE A 697 0.77 21.24 -6.63
CA ILE A 697 1.01 20.21 -5.63
C ILE A 697 1.30 20.86 -4.25
N ILE A 698 0.76 20.27 -3.17
CA ILE A 698 1.00 20.79 -1.82
C ILE A 698 2.12 19.96 -1.25
N PHE A 699 3.15 20.60 -0.71
CA PHE A 699 4.25 19.91 -0.09
C PHE A 699 4.08 20.14 1.40
N LYS A 700 3.89 19.09 2.21
CA LYS A 700 3.67 19.31 3.64
C LYS A 700 4.76 18.74 4.48
N ASN A 701 5.14 19.43 5.55
CA ASN A 701 6.19 19.03 6.49
C ASN A 701 5.55 19.03 7.87
N GLY A 702 5.55 17.91 8.57
CA GLY A 702 4.96 17.82 9.89
C GLY A 702 3.73 16.95 10.10
N ASP A 703 3.02 16.58 9.02
CA ASP A 703 1.84 15.71 9.15
C ASP A 703 2.18 14.29 8.72
N ASP A 704 1.66 13.28 9.43
CA ASP A 704 1.88 11.89 9.05
C ASP A 704 0.90 11.57 7.94
N LEU A 705 1.38 11.51 6.67
CA LEU A 705 0.47 11.30 5.56
C LEU A 705 0.04 9.84 5.36
N ARG A 706 0.42 8.93 6.28
CA ARG A 706 0.04 7.52 6.17
C ARG A 706 -1.44 7.26 6.40
N GLN A 707 -2.08 8.01 7.29
CA GLN A 707 -3.50 7.81 7.53
C GLN A 707 -4.31 8.28 6.30
N ASP A 708 -3.86 9.38 5.68
CA ASP A 708 -4.46 9.93 4.47
C ASP A 708 -4.29 8.91 3.36
N MET A 709 -3.07 8.34 3.17
CA MET A 709 -2.80 7.34 2.14
C MET A 709 -3.74 6.16 2.24
N LEU A 710 -3.87 5.58 3.46
CA LEU A 710 -4.73 4.46 3.68
C LEU A 710 -6.19 4.81 3.43
N THR A 711 -6.64 5.98 3.92
CA THR A 711 -8.05 6.38 3.72
C THR A 711 -8.38 6.55 2.27
N LEU A 712 -7.55 7.27 1.53
CA LEU A 712 -7.76 7.49 0.11
C LEU A 712 -7.72 6.18 -0.69
N GLN A 713 -6.96 5.18 -0.25
CA GLN A 713 -6.91 3.88 -0.92
C GLN A 713 -8.25 3.17 -0.68
N ILE A 714 -8.77 3.21 0.57
CA ILE A 714 -10.04 2.59 0.93
C ILE A 714 -11.15 3.26 0.15
N ILE A 715 -11.17 4.60 0.07
CA ILE A 715 -12.22 5.35 -0.63
C ILE A 715 -12.29 4.94 -2.12
N ARG A 716 -11.11 4.76 -2.76
CA ARG A 716 -10.94 4.32 -4.14
C ARG A 716 -11.50 2.90 -4.31
N ILE A 717 -11.22 2.02 -3.33
CA ILE A 717 -11.72 0.65 -3.36
C ILE A 717 -13.24 0.64 -3.21
N MET A 718 -13.79 1.42 -2.29
CA MET A 718 -15.23 1.50 -2.07
C MET A 718 -15.93 1.98 -3.32
N GLU A 719 -15.35 2.97 -4.00
CA GLU A 719 -15.88 3.52 -5.23
C GLU A 719 -15.93 2.42 -6.34
N ASN A 720 -14.88 1.57 -6.45
CA ASN A 720 -14.90 0.48 -7.43
C ASN A 720 -15.94 -0.54 -7.10
N ILE A 721 -16.14 -0.85 -5.81
CA ILE A 721 -17.16 -1.80 -5.40
C ILE A 721 -18.55 -1.30 -5.84
N TRP A 722 -18.83 -0.01 -5.63
CA TRP A 722 -20.07 0.62 -6.04
C TRP A 722 -20.22 0.72 -7.54
N GLN A 723 -19.19 1.19 -8.26
CA GLN A 723 -19.30 1.32 -9.70
C GLN A 723 -19.59 -0.05 -10.38
N ASN A 724 -18.83 -1.08 -10.02
CA ASN A 724 -19.02 -2.42 -10.57
C ASN A 724 -20.37 -3.06 -10.19
N GLN A 725 -20.97 -2.65 -9.06
CA GLN A 725 -22.30 -3.15 -8.68
C GLN A 725 -23.44 -2.28 -9.24
N GLY A 726 -23.13 -1.36 -10.17
CA GLY A 726 -24.12 -0.50 -10.79
C GLY A 726 -24.54 0.75 -10.04
N LEU A 727 -23.91 1.03 -8.87
CA LEU A 727 -24.23 2.21 -8.06
C LEU A 727 -23.25 3.35 -8.39
N ASP A 728 -23.72 4.38 -9.10
CA ASP A 728 -22.84 5.48 -9.53
C ASP A 728 -22.63 6.55 -8.47
N LEU A 729 -21.80 6.24 -7.49
CA LEU A 729 -21.43 7.17 -6.42
C LEU A 729 -20.01 7.61 -6.78
N ARG A 730 -19.83 8.91 -7.05
CA ARG A 730 -18.55 9.42 -7.47
C ARG A 730 -17.76 9.99 -6.29
N MET A 731 -16.64 9.38 -5.96
CA MET A 731 -15.75 9.83 -4.90
C MET A 731 -14.53 10.54 -5.52
N LEU A 732 -13.71 11.20 -4.69
CA LEU A 732 -12.52 11.85 -5.20
C LEU A 732 -11.32 11.49 -4.39
N PRO A 733 -10.73 10.32 -4.65
CA PRO A 733 -9.52 9.96 -3.92
C PRO A 733 -8.31 10.62 -4.58
N TYR A 734 -8.07 11.91 -4.28
CA TYR A 734 -6.95 12.67 -4.80
C TYR A 734 -5.61 12.01 -4.37
N GLY A 735 -4.54 12.32 -5.09
CA GLY A 735 -3.23 11.74 -4.83
C GLY A 735 -2.62 12.19 -3.53
N CYS A 736 -1.90 11.31 -2.86
CA CYS A 736 -1.24 11.63 -1.60
C CYS A 736 -0.09 10.67 -1.35
N LEU A 737 1.14 11.13 -1.51
CA LEU A 737 2.30 10.31 -1.34
C LEU A 737 3.18 10.76 -0.17
N SER A 738 3.47 9.83 0.73
CA SER A 738 4.40 10.07 1.81
C SER A 738 5.85 10.03 1.19
N ILE A 739 6.67 11.05 1.43
CA ILE A 739 8.05 11.15 0.90
C ILE A 739 9.15 10.80 1.93
N GLY A 740 8.76 10.66 3.19
CA GLY A 740 9.67 10.35 4.26
C GLY A 740 9.03 10.58 5.60
N ASP A 741 9.83 10.99 6.58
CA ASP A 741 9.35 11.20 7.95
C ASP A 741 8.44 12.43 8.07
N CYS A 742 7.11 12.20 8.12
CA CYS A 742 6.06 13.21 8.19
C CYS A 742 6.16 14.29 7.12
N VAL A 743 6.68 13.93 5.96
CA VAL A 743 6.74 14.81 4.80
C VAL A 743 6.01 14.14 3.66
N GLY A 744 5.44 14.93 2.77
CA GLY A 744 4.74 14.39 1.63
C GLY A 744 4.25 15.38 0.62
N LEU A 745 3.51 14.84 -0.32
CA LEU A 745 2.90 15.58 -1.37
C LEU A 745 1.40 15.26 -1.35
N ILE A 746 0.59 16.23 -1.69
CA ILE A 746 -0.86 16.09 -1.74
C ILE A 746 -1.26 16.71 -3.07
N GLU A 747 -2.14 16.04 -3.81
CA GLU A 747 -2.55 16.54 -5.11
C GLU A 747 -3.64 17.60 -4.97
N VAL A 748 -3.45 18.76 -5.62
CA VAL A 748 -4.45 19.83 -5.58
C VAL A 748 -5.55 19.53 -6.59
N VAL A 749 -6.80 19.28 -6.13
CA VAL A 749 -7.96 19.01 -6.97
C VAL A 749 -8.37 20.36 -7.51
N ARG A 750 -8.15 20.61 -8.82
CA ARG A 750 -8.44 21.89 -9.48
C ARG A 750 -9.91 22.32 -9.40
N ASN A 751 -10.16 23.64 -9.32
CA ASN A 751 -11.50 24.23 -9.31
C ASN A 751 -12.33 23.77 -8.10
N SER A 752 -11.70 23.63 -6.92
CA SER A 752 -12.40 23.21 -5.72
C SER A 752 -12.38 24.30 -4.65
N HIS A 753 -13.38 24.30 -3.73
CA HIS A 753 -13.47 25.31 -2.66
C HIS A 753 -14.04 24.69 -1.38
N THR A 754 -13.59 25.11 -0.17
CA THR A 754 -14.13 24.55 1.08
C THR A 754 -15.53 25.06 1.35
N ILE A 755 -16.34 24.37 2.19
CA ILE A 755 -17.69 24.83 2.49
C ILE A 755 -17.65 26.19 3.20
N MET A 756 -16.64 26.40 4.08
CA MET A 756 -16.42 27.66 4.81
C MET A 756 -16.14 28.83 3.85
N GLN A 757 -15.41 28.58 2.76
CA GLN A 757 -15.11 29.61 1.77
C GLN A 757 -16.38 29.97 1.01
N ILE A 758 -17.20 28.97 0.65
CA ILE A 758 -18.46 29.20 -0.08
C ILE A 758 -19.44 30.01 0.79
N GLN A 759 -19.48 29.74 2.09
CA GLN A 759 -20.34 30.44 3.02
C GLN A 759 -19.86 31.86 3.34
N CYS A 760 -18.53 32.05 3.51
CA CYS A 760 -17.96 33.37 3.81
C CYS A 760 -17.59 34.15 2.54
N LYS A 761 -18.43 34.03 1.49
CA LYS A 761 -18.29 34.68 0.18
C LYS A 761 -19.59 34.58 -0.62
N ASN A 771 -26.40 31.32 7.43
CA ASN A 771 -27.61 30.87 6.74
C ASN A 771 -27.42 29.51 6.07
N SER A 772 -28.42 28.61 6.17
CA SER A 772 -28.31 27.25 5.62
C SER A 772 -28.56 27.13 4.11
N HIS A 773 -29.07 28.19 3.47
CA HIS A 773 -29.36 28.14 2.04
C HIS A 773 -28.28 28.76 1.15
N THR A 774 -27.12 29.11 1.71
CA THR A 774 -26.03 29.76 0.96
C THR A 774 -25.34 28.81 -0.05
N LEU A 775 -25.04 27.57 0.39
CA LEU A 775 -24.37 26.57 -0.42
C LEU A 775 -25.11 26.29 -1.74
N HIS A 776 -26.43 25.98 -1.66
CA HIS A 776 -27.27 25.69 -2.82
C HIS A 776 -27.33 26.87 -3.78
N GLN A 777 -27.29 28.10 -3.26
CA GLN A 777 -27.31 29.30 -4.09
C GLN A 777 -26.01 29.42 -4.90
N TRP A 778 -24.85 29.13 -4.27
CA TRP A 778 -23.54 29.19 -4.96
C TRP A 778 -23.47 28.16 -6.10
N LEU A 779 -24.06 26.98 -5.87
CA LEU A 779 -24.08 25.93 -6.87
C LEU A 779 -24.96 26.31 -8.06
N LYS A 780 -26.07 27.01 -7.80
CA LYS A 780 -27.02 27.46 -8.83
C LYS A 780 -26.42 28.57 -9.69
N ASP A 781 -25.65 29.49 -9.09
CA ASP A 781 -25.01 30.57 -9.84
C ASP A 781 -23.93 30.02 -10.76
N LYS A 782 -23.23 28.95 -10.33
CA LYS A 782 -22.18 28.32 -11.13
C LYS A 782 -22.75 27.40 -12.22
N ASN A 783 -23.91 26.77 -11.96
CA ASN A 783 -24.57 25.88 -12.91
C ASN A 783 -25.98 26.35 -13.33
N LYS A 784 -26.05 27.21 -14.36
CA LYS A 784 -27.33 27.72 -14.82
C LYS A 784 -27.78 26.96 -16.07
N GLY A 785 -29.05 26.58 -16.11
CA GLY A 785 -29.62 25.87 -17.25
C GLY A 785 -29.80 24.38 -17.02
N GLU A 786 -29.56 23.59 -18.07
CA GLU A 786 -29.64 22.12 -18.01
C GLU A 786 -28.54 21.54 -17.11
N ILE A 787 -27.37 22.21 -17.09
CA ILE A 787 -26.23 21.83 -16.26
C ILE A 787 -26.52 21.94 -14.73
N TYR A 788 -27.70 22.51 -14.34
CA TYR A 788 -28.12 22.60 -12.94
C TYR A 788 -28.52 21.22 -12.44
N ASP A 789 -29.26 20.47 -13.25
CA ASP A 789 -29.74 19.14 -12.86
C ASP A 789 -28.58 18.20 -12.63
N ALA A 790 -27.55 18.28 -13.50
CA ALA A 790 -26.35 17.45 -13.41
C ALA A 790 -25.56 17.72 -12.12
N ALA A 791 -25.42 19.00 -11.74
CA ALA A 791 -24.71 19.43 -10.55
C ALA A 791 -25.40 18.98 -9.27
N ILE A 792 -26.73 19.06 -9.21
CA ILE A 792 -27.47 18.62 -8.03
C ILE A 792 -27.41 17.09 -7.88
N ASP A 793 -27.42 16.38 -9.01
CA ASP A 793 -27.35 14.93 -9.03
C ASP A 793 -25.97 14.48 -8.57
N LEU A 794 -24.92 15.12 -9.12
CA LEU A 794 -23.55 14.80 -8.77
C LEU A 794 -23.29 15.08 -7.30
N PHE A 795 -23.82 16.20 -6.78
CA PHE A 795 -23.71 16.57 -5.38
C PHE A 795 -24.32 15.50 -4.49
N THR A 796 -25.52 15.05 -4.85
CA THR A 796 -26.28 14.03 -4.12
C THR A 796 -25.50 12.69 -4.09
N ARG A 797 -25.02 12.22 -5.25
CA ARG A 797 -24.27 10.97 -5.35
C ARG A 797 -22.96 10.97 -4.56
N SER A 798 -22.17 12.05 -4.73
CA SER A 798 -20.90 12.20 -4.03
C SER A 798 -21.11 12.35 -2.54
N CYS A 799 -22.15 13.07 -2.15
CA CYS A 799 -22.55 13.28 -0.76
C CYS A 799 -22.94 11.93 -0.11
N ALA A 800 -23.69 11.10 -0.87
CA ALA A 800 -24.16 9.79 -0.41
C ALA A 800 -23.00 8.83 -0.19
N GLY A 801 -22.03 8.85 -1.08
CA GLY A 801 -20.86 8.00 -0.96
C GLY A 801 -20.02 8.37 0.24
N TYR A 802 -19.85 9.69 0.47
CA TYR A 802 -19.03 10.17 1.58
C TYR A 802 -19.74 10.02 2.93
N CYS A 803 -21.07 10.03 2.96
CA CYS A 803 -21.81 9.82 4.23
C CYS A 803 -21.64 8.34 4.64
N VAL A 804 -21.76 7.41 3.68
CA VAL A 804 -21.61 6.00 3.94
C VAL A 804 -20.15 5.68 4.30
N ALA A 805 -19.17 6.23 3.54
CA ALA A 805 -17.75 5.99 3.79
C ALA A 805 -17.32 6.51 5.16
N THR A 806 -17.59 7.81 5.47
CA THR A 806 -17.25 8.41 6.76
C THR A 806 -17.92 7.63 7.90
N PHE A 807 -19.11 7.09 7.67
CA PHE A 807 -19.81 6.28 8.66
C PHE A 807 -19.08 4.96 8.93
N ILE A 808 -18.84 4.14 7.88
CA ILE A 808 -18.22 2.81 8.03
C ILE A 808 -16.83 2.89 8.65
N LEU A 809 -16.06 3.90 8.23
CA LEU A 809 -14.69 4.10 8.71
C LEU A 809 -14.57 4.91 10.00
N GLY A 810 -15.63 5.57 10.42
CA GLY A 810 -15.59 6.41 11.61
C GLY A 810 -14.65 7.58 11.44
N ILE A 811 -14.80 8.36 10.36
CA ILE A 811 -13.93 9.50 10.10
C ILE A 811 -14.42 10.71 10.91
N GLY A 812 -13.51 11.30 11.66
CA GLY A 812 -13.85 12.42 12.52
C GLY A 812 -13.37 13.77 12.02
N ASP A 813 -13.80 14.83 12.74
CA ASP A 813 -13.47 16.23 12.47
C ASP A 813 -14.03 16.69 11.14
N ARG A 814 -15.31 16.37 10.89
CA ARG A 814 -15.90 16.73 9.61
C ARG A 814 -16.53 18.13 9.60
N HIS A 815 -15.72 19.14 9.96
CA HIS A 815 -16.17 20.53 9.89
C HIS A 815 -16.14 21.07 8.44
N ASN A 816 -16.71 22.28 8.21
CA ASN A 816 -16.82 22.93 6.88
C ASN A 816 -15.50 23.37 6.23
N SER A 817 -14.36 23.16 6.90
CA SER A 817 -13.07 23.48 6.27
C SER A 817 -12.34 22.21 5.72
N ASN A 818 -12.84 21.01 6.09
CA ASN A 818 -12.37 19.70 5.67
C ASN A 818 -13.29 19.09 4.60
N ILE A 819 -14.37 19.79 4.20
CA ILE A 819 -15.31 19.33 3.19
C ILE A 819 -15.23 20.31 2.05
N MET A 820 -15.00 19.82 0.83
CA MET A 820 -14.85 20.67 -0.34
C MET A 820 -15.86 20.36 -1.42
N VAL A 821 -16.02 21.29 -2.36
CA VAL A 821 -16.98 21.16 -3.46
C VAL A 821 -16.36 21.72 -4.72
N LYS A 822 -16.65 21.09 -5.84
CA LYS A 822 -16.16 21.53 -7.13
C LYS A 822 -17.21 22.41 -7.81
N ASP A 823 -16.82 23.16 -8.86
CA ASP A 823 -17.69 24.01 -9.68
C ASP A 823 -18.95 23.25 -10.16
N ASP A 824 -18.78 21.96 -10.54
CA ASP A 824 -19.84 21.11 -11.04
C ASP A 824 -20.67 20.39 -9.96
N GLY A 825 -20.52 20.76 -8.70
CA GLY A 825 -21.29 20.16 -7.63
C GLY A 825 -20.70 18.96 -6.92
N GLN A 826 -19.51 18.46 -7.37
CA GLN A 826 -18.90 17.29 -6.73
C GLN A 826 -18.33 17.55 -5.34
N LEU A 827 -18.82 16.85 -4.33
CA LEU A 827 -18.36 16.99 -2.97
C LEU A 827 -17.28 15.94 -2.61
N PHE A 828 -16.26 16.36 -1.82
CA PHE A 828 -15.22 15.45 -1.35
C PHE A 828 -14.60 15.91 -0.03
N HIS A 829 -14.04 15.01 0.76
CA HIS A 829 -13.42 15.34 2.03
C HIS A 829 -11.90 15.38 1.90
N ILE A 830 -11.24 16.08 2.82
CA ILE A 830 -9.78 16.18 2.90
C ILE A 830 -9.34 16.00 4.38
N ASP A 831 -8.03 15.78 4.61
CA ASP A 831 -7.46 15.62 5.94
C ASP A 831 -8.13 14.51 6.76
N PHE A 832 -7.45 13.36 6.83
CA PHE A 832 -8.01 12.20 7.50
C PHE A 832 -7.18 11.86 8.73
N GLY A 833 -6.94 12.87 9.56
CA GLY A 833 -6.19 12.67 10.80
C GLY A 833 -6.90 11.77 11.79
N HIS A 834 -8.23 11.61 11.65
CA HIS A 834 -8.99 10.73 12.53
C HIS A 834 -9.81 9.70 11.76
N PHE A 835 -9.61 8.42 12.09
CA PHE A 835 -10.31 7.27 11.53
C PHE A 835 -10.41 6.16 12.60
N LEU A 836 -11.44 5.30 12.49
CA LEU A 836 -11.71 4.14 13.35
C LEU A 836 -12.06 4.50 14.83
N ASP A 837 -12.62 5.70 15.08
CA ASP A 837 -12.93 6.13 16.45
C ASP A 837 -14.21 5.48 17.04
N LEU A 854 -23.98 15.18 8.30
CA LEU A 854 -24.83 15.76 7.25
C LEU A 854 -25.40 17.10 7.72
N THR A 855 -24.84 18.20 7.21
CA THR A 855 -25.32 19.54 7.56
C THR A 855 -26.68 19.86 6.91
N GLN A 856 -27.39 20.87 7.43
CA GLN A 856 -28.66 21.30 6.87
C GLN A 856 -28.44 21.85 5.44
N ASP A 857 -27.28 22.49 5.20
CA ASP A 857 -26.92 23.04 3.90
C ASP A 857 -26.84 21.97 2.80
N PHE A 858 -26.43 20.72 3.15
CA PHE A 858 -26.37 19.65 2.15
C PHE A 858 -27.76 19.14 1.83
N LEU A 859 -28.64 19.04 2.84
CA LEU A 859 -30.01 18.58 2.65
C LEU A 859 -30.81 19.53 1.74
N ILE A 860 -30.53 20.84 1.81
CA ILE A 860 -31.19 21.83 0.96
C ILE A 860 -30.68 21.70 -0.49
N VAL A 861 -29.40 21.34 -0.70
CA VAL A 861 -28.87 21.16 -2.04
C VAL A 861 -29.44 19.88 -2.63
N ILE A 862 -29.50 18.78 -1.83
CA ILE A 862 -30.05 17.50 -2.26
C ILE A 862 -31.53 17.62 -2.68
N SER A 863 -32.32 18.42 -1.94
CA SER A 863 -33.73 18.62 -2.24
C SER A 863 -34.03 19.77 -3.24
N LYS A 864 -33.00 20.30 -3.91
CA LYS A 864 -33.04 21.36 -4.91
C LYS A 864 -33.55 22.73 -4.41
N GLY A 865 -33.64 22.90 -3.10
CA GLY A 865 -34.07 24.16 -2.52
C GLY A 865 -35.26 24.10 -1.59
N ALA A 866 -35.94 22.94 -1.53
CA ALA A 866 -37.13 22.77 -0.70
C ALA A 866 -36.93 23.08 0.79
N GLN A 867 -37.97 23.61 1.45
CA GLN A 867 -37.92 23.95 2.87
C GLN A 867 -38.14 22.71 3.72
N GLU A 868 -39.00 21.78 3.27
CA GLU A 868 -39.25 20.52 3.95
C GLU A 868 -38.37 19.47 3.26
N CYS A 869 -37.05 19.72 3.28
CA CYS A 869 -36.04 18.89 2.62
C CYS A 869 -36.02 17.44 3.07
N THR A 870 -36.20 17.16 4.36
CA THR A 870 -36.24 15.78 4.85
C THR A 870 -37.53 15.02 4.47
N LYS A 871 -38.45 15.67 3.74
CA LYS A 871 -39.73 15.10 3.30
C LYS A 871 -39.88 15.00 1.78
N THR A 872 -38.96 15.60 1.01
CA THR A 872 -39.01 15.55 -0.45
C THR A 872 -38.73 14.14 -1.01
N ARG A 873 -39.08 13.91 -2.28
CA ARG A 873 -38.81 12.60 -2.91
C ARG A 873 -37.30 12.45 -3.21
N GLU A 874 -36.56 13.59 -3.36
CA GLU A 874 -35.13 13.61 -3.60
C GLU A 874 -34.37 13.08 -2.37
N PHE A 875 -34.89 13.36 -1.16
CA PHE A 875 -34.29 12.87 0.09
C PHE A 875 -34.51 11.37 0.26
N GLU A 876 -35.65 10.85 -0.21
CA GLU A 876 -35.94 9.42 -0.15
C GLU A 876 -35.02 8.68 -1.14
N ARG A 877 -34.76 9.26 -2.32
CA ARG A 877 -33.89 8.69 -3.36
C ARG A 877 -32.43 8.69 -2.86
N PHE A 878 -32.02 9.77 -2.15
CA PHE A 878 -30.69 9.89 -1.57
C PHE A 878 -30.56 8.87 -0.42
N GLN A 879 -31.62 8.68 0.38
CA GLN A 879 -31.61 7.70 1.46
C GLN A 879 -31.47 6.27 0.91
N GLU A 880 -32.14 5.97 -0.22
CA GLU A 880 -32.04 4.64 -0.83
C GLU A 880 -30.61 4.38 -1.35
N MET A 881 -29.94 5.44 -1.84
CA MET A 881 -28.57 5.36 -2.33
C MET A 881 -27.64 4.99 -1.19
N CYS A 882 -27.82 5.63 -0.02
CA CYS A 882 -27.03 5.34 1.16
C CYS A 882 -27.21 3.92 1.64
N TYR A 883 -28.46 3.43 1.70
CA TYR A 883 -28.72 2.07 2.15
C TYR A 883 -28.11 1.03 1.21
N LYS A 884 -28.20 1.26 -0.11
CA LYS A 884 -27.64 0.37 -1.11
C LYS A 884 -26.10 0.40 -1.08
N ALA A 885 -25.51 1.59 -0.88
CA ALA A 885 -24.06 1.72 -0.79
C ALA A 885 -23.53 1.02 0.45
N TYR A 886 -24.26 1.15 1.58
CA TYR A 886 -23.89 0.55 2.84
C TYR A 886 -23.91 -0.97 2.73
N LEU A 887 -24.94 -1.54 2.11
CA LEU A 887 -25.07 -2.99 2.01
C LEU A 887 -24.06 -3.61 1.05
N ALA A 888 -23.69 -2.86 -0.02
CA ALA A 888 -22.70 -3.32 -0.98
C ALA A 888 -21.33 -3.45 -0.30
N ILE A 889 -20.95 -2.46 0.55
CA ILE A 889 -19.67 -2.52 1.24
C ILE A 889 -19.67 -3.58 2.31
N ARG A 890 -20.81 -3.78 3.01
CA ARG A 890 -20.95 -4.84 4.01
C ARG A 890 -20.69 -6.23 3.39
N GLN A 891 -21.03 -6.42 2.10
CA GLN A 891 -20.78 -7.67 1.40
C GLN A 891 -19.28 -7.88 1.15
N HIS A 892 -18.48 -6.79 1.10
CA HIS A 892 -17.04 -6.85 0.90
C HIS A 892 -16.22 -6.67 2.17
N ALA A 893 -16.85 -6.80 3.34
CA ALA A 893 -16.21 -6.61 4.63
C ALA A 893 -14.93 -7.39 4.81
N ASN A 894 -14.86 -8.67 4.40
CA ASN A 894 -13.63 -9.45 4.60
C ASN A 894 -12.40 -8.79 3.96
N LEU A 895 -12.59 -8.14 2.79
CA LEU A 895 -11.52 -7.42 2.09
C LEU A 895 -11.06 -6.24 2.94
N PHE A 896 -12.00 -5.39 3.39
CA PHE A 896 -11.66 -4.25 4.22
C PHE A 896 -11.02 -4.61 5.53
N ILE A 897 -11.55 -5.60 6.25
CA ILE A 897 -10.95 -6.06 7.52
C ILE A 897 -9.49 -6.51 7.29
N ASN A 898 -9.23 -7.23 6.19
CA ASN A 898 -7.89 -7.70 5.83
C ASN A 898 -6.92 -6.57 5.42
N LEU A 899 -7.42 -5.57 4.68
CA LEU A 899 -6.58 -4.44 4.27
C LEU A 899 -6.16 -3.61 5.49
N PHE A 900 -7.00 -3.54 6.53
CA PHE A 900 -6.65 -2.81 7.75
C PHE A 900 -5.73 -3.66 8.59
N SER A 901 -6.03 -4.97 8.71
CA SER A 901 -5.23 -5.92 9.48
C SER A 901 -3.77 -5.93 9.00
N MET A 902 -3.52 -5.81 7.69
CA MET A 902 -2.18 -5.74 7.12
C MET A 902 -1.40 -4.44 7.53
N MET A 903 -2.14 -3.41 7.95
CA MET A 903 -1.59 -2.15 8.41
C MET A 903 -1.33 -2.11 9.94
N LEU A 904 -1.64 -3.18 10.66
CA LEU A 904 -1.47 -3.25 12.11
C LEU A 904 -0.04 -2.99 12.61
N GLY A 905 0.95 -3.35 11.81
CA GLY A 905 2.35 -3.15 12.18
C GLY A 905 3.02 -1.97 11.48
N SER A 906 2.23 -1.01 11.00
CA SER A 906 2.79 0.18 10.36
C SER A 906 3.35 1.20 11.39
N GLY A 907 2.83 1.16 12.61
CA GLY A 907 3.17 2.11 13.65
C GLY A 907 2.21 3.29 13.69
N MET A 908 1.06 3.19 13.00
CA MET A 908 0.09 4.27 12.98
C MET A 908 -0.65 4.28 14.31
N PRO A 909 -0.67 5.43 15.01
CA PRO A 909 -1.35 5.49 16.31
C PRO A 909 -2.84 5.11 16.32
N GLU A 910 -3.54 5.25 15.15
CA GLU A 910 -4.96 4.91 15.03
C GLU A 910 -5.22 3.41 14.82
N LEU A 911 -4.24 2.68 14.31
CA LEU A 911 -4.38 1.25 14.07
C LEU A 911 -3.20 0.53 14.71
N GLN A 912 -3.35 0.15 15.99
CA GLN A 912 -2.29 -0.53 16.71
C GLN A 912 -2.65 -1.97 17.10
N SER A 913 -3.95 -2.26 17.25
CA SER A 913 -4.43 -3.59 17.66
C SER A 913 -5.72 -4.01 16.93
N PHE A 914 -6.12 -5.29 17.06
CA PHE A 914 -7.36 -5.80 16.47
C PHE A 914 -8.62 -5.13 17.05
N ASP A 915 -8.53 -4.50 18.24
CA ASP A 915 -9.65 -3.76 18.82
C ASP A 915 -9.97 -2.49 18.01
N ASP A 916 -8.96 -1.91 17.33
CA ASP A 916 -9.17 -0.75 16.48
C ASP A 916 -9.91 -1.16 15.18
N ILE A 917 -9.54 -2.32 14.61
CA ILE A 917 -10.20 -2.85 13.41
C ILE A 917 -11.63 -3.32 13.75
N ALA A 918 -11.86 -3.78 14.99
CA ALA A 918 -13.18 -4.18 15.44
C ALA A 918 -14.20 -3.03 15.34
N TYR A 919 -13.77 -1.77 15.14
CA TYR A 919 -14.69 -0.64 14.97
C TYR A 919 -15.53 -0.83 13.70
N ILE A 920 -14.91 -1.40 12.64
CA ILE A 920 -15.59 -1.68 11.37
C ILE A 920 -16.61 -2.81 11.56
N ARG A 921 -16.32 -3.79 12.43
CA ARG A 921 -17.25 -4.88 12.71
C ARG A 921 -18.56 -4.36 13.34
N LYS A 922 -18.47 -3.27 14.12
CA LYS A 922 -19.63 -2.63 14.71
C LYS A 922 -20.42 -1.82 13.65
N THR A 923 -19.77 -0.89 12.90
CA THR A 923 -20.48 -0.11 11.89
C THR A 923 -21.05 -0.96 10.77
N LEU A 924 -20.30 -1.98 10.34
CA LEU A 924 -20.80 -2.88 9.30
C LEU A 924 -21.81 -3.89 9.84
N ALA A 925 -21.95 -4.01 11.18
CA ALA A 925 -22.88 -4.91 11.86
C ALA A 925 -22.74 -6.34 11.33
N LEU A 926 -21.49 -6.80 11.24
CA LEU A 926 -21.18 -8.12 10.73
C LEU A 926 -21.72 -9.26 11.63
N ASP A 927 -21.99 -8.97 12.92
CA ASP A 927 -22.55 -9.97 13.84
C ASP A 927 -24.12 -10.10 13.73
N LYS A 928 -24.73 -9.37 12.78
CA LYS A 928 -26.16 -9.35 12.55
C LYS A 928 -26.48 -9.93 11.16
N THR A 929 -27.76 -9.89 10.76
CA THR A 929 -28.22 -10.35 9.45
C THR A 929 -28.26 -9.14 8.50
N GLU A 930 -28.40 -9.35 7.17
CA GLU A 930 -28.49 -8.23 6.22
C GLU A 930 -29.64 -7.29 6.56
N GLN A 931 -30.80 -7.83 6.95
CA GLN A 931 -31.97 -7.03 7.32
C GLN A 931 -31.73 -6.26 8.62
N GLU A 932 -31.03 -6.90 9.59
CA GLU A 932 -30.73 -6.28 10.88
C GLU A 932 -29.68 -5.17 10.77
N ALA A 933 -28.72 -5.31 9.84
CA ALA A 933 -27.69 -4.31 9.62
C ALA A 933 -28.26 -3.07 8.95
N LEU A 934 -29.15 -3.27 7.97
CA LEU A 934 -29.79 -2.17 7.25
C LEU A 934 -30.64 -1.34 8.22
N GLU A 935 -31.33 -2.00 9.18
CA GLU A 935 -32.16 -1.33 10.18
C GLU A 935 -31.30 -0.56 11.19
N TYR A 936 -30.10 -1.08 11.51
CA TYR A 936 -29.13 -0.42 12.39
C TYR A 936 -28.66 0.87 11.68
N PHE A 937 -28.31 0.75 10.38
CA PHE A 937 -27.84 1.87 9.60
C PHE A 937 -28.93 2.92 9.43
N MET A 938 -30.18 2.48 9.23
CA MET A 938 -31.33 3.37 9.07
C MET A 938 -31.61 4.13 10.34
N LYS A 939 -31.45 3.48 11.50
CA LYS A 939 -31.65 4.12 12.80
C LYS A 939 -30.57 5.19 13.03
N GLN A 940 -29.32 4.91 12.60
CA GLN A 940 -28.21 5.85 12.72
C GLN A 940 -28.43 7.06 11.81
N MET A 941 -28.94 6.83 10.59
CA MET A 941 -29.21 7.91 9.64
C MET A 941 -30.39 8.78 10.09
N ASN A 942 -31.42 8.15 10.69
CA ASN A 942 -32.60 8.87 11.17
C ASN A 942 -32.34 9.51 12.52
C9 VYP B . -5.34 21.15 3.03
C10 VYP B . -5.80 22.15 2.17
C4 VYP B . -4.05 18.94 4.50
C6 VYP B . -4.79 17.42 2.81
C5 VYP B . -4.70 18.75 3.27
C8 VYP B . -5.22 19.86 2.50
C12 VYP B . -6.04 20.62 0.46
C2 VYP B . -3.64 16.66 4.66
C15 VYP B . -6.65 21.37 -1.84
C19 VYP B . -6.31 18.96 -1.38
C16 VYP B . -7.75 20.95 -2.83
C18 VYP B . -7.44 18.68 -2.39
N11 VYP B . -6.16 21.94 0.88
N3 VYP B . -3.51 17.93 5.22
N7 VYP B . -4.28 16.36 3.46
N13 VYP B . -5.55 19.57 1.21
N14 VYP B . -6.55 20.31 -0.81
N1 VYP B . -3.07 15.62 5.34
O17 VYP B . -7.48 19.68 -3.37
H24 VYP B . -5.10 21.38 4.06
H25 VYP B . -5.91 23.20 2.50
H22 VYP B . -3.93 19.92 4.96
H23 VYP B . -5.29 17.16 1.86
H26 VYP B . -5.68 21.51 -2.36
H27 VYP B . -6.91 22.36 -1.39
H33 VYP B . -5.32 18.88 -1.87
H32 VYP B . -6.33 18.16 -0.60
H28 VYP B . -8.75 21.01 -2.38
H29 VYP B . -7.75 21.63 -3.72
H31 VYP B . -8.43 18.57 -1.87
H30 VYP B . -7.27 17.75 -2.95
H21 VYP B . -3.13 14.69 4.99
H20 VYP B . -2.60 15.78 6.21
#